data_1XI7
# 
_entry.id   1XI7 
# 
_audit_conform.dict_name       mmcif_pdbx.dic 
_audit_conform.dict_version    5.398 
_audit_conform.dict_location   http://mmcif.pdb.org/dictionaries/ascii/mmcif_pdbx.dic 
# 
loop_
_database_2.database_id 
_database_2.database_code 
_database_2.pdbx_database_accession 
_database_2.pdbx_DOI 
PDB   1XI7         pdb_00001xi7 10.2210/pdb1xi7/pdb 
RCSB  RCSB030392   ?            ?                   
WWPDB D_1000030392 ?            ?                   
# 
loop_
_pdbx_audit_revision_history.ordinal 
_pdbx_audit_revision_history.data_content_type 
_pdbx_audit_revision_history.major_revision 
_pdbx_audit_revision_history.minor_revision 
_pdbx_audit_revision_history.revision_date 
1 'Structure model' 1 0 2004-10-05 
2 'Structure model' 1 1 2008-04-30 
3 'Structure model' 1 2 2011-07-13 
4 'Structure model' 1 3 2011-08-10 
5 'Structure model' 1 4 2024-10-30 
# 
_pdbx_audit_revision_details.ordinal             1 
_pdbx_audit_revision_details.revision_ordinal    1 
_pdbx_audit_revision_details.data_content_type   'Structure model' 
_pdbx_audit_revision_details.provider            repository 
_pdbx_audit_revision_details.type                'Initial release' 
_pdbx_audit_revision_details.description         ? 
_pdbx_audit_revision_details.details             ? 
# 
loop_
_pdbx_audit_revision_group.ordinal 
_pdbx_audit_revision_group.revision_ordinal 
_pdbx_audit_revision_group.data_content_type 
_pdbx_audit_revision_group.group 
1 2 'Structure model' 'Version format compliance' 
2 3 'Structure model' 'Version format compliance' 
3 4 'Structure model' 'Source and taxonomy'       
4 5 'Structure model' 'Data collection'           
5 5 'Structure model' 'Database references'       
6 5 'Structure model' 'Structure summary'         
# 
loop_
_pdbx_audit_revision_category.ordinal 
_pdbx_audit_revision_category.revision_ordinal 
_pdbx_audit_revision_category.data_content_type 
_pdbx_audit_revision_category.category 
1 5 'Structure model' chem_comp_atom            
2 5 'Structure model' chem_comp_bond            
3 5 'Structure model' database_2                
4 5 'Structure model' pdbx_entry_details        
5 5 'Structure model' pdbx_modification_feature 
6 5 'Structure model' pdbx_nmr_software         
7 5 'Structure model' struct_ref_seq_dif        
# 
loop_
_pdbx_audit_revision_item.ordinal 
_pdbx_audit_revision_item.revision_ordinal 
_pdbx_audit_revision_item.data_content_type 
_pdbx_audit_revision_item.item 
1 5 'Structure model' '_database_2.pdbx_DOI'                
2 5 'Structure model' '_database_2.pdbx_database_accession' 
3 5 'Structure model' '_pdbx_nmr_software.name'             
4 5 'Structure model' '_struct_ref_seq_dif.details'         
# 
_pdbx_database_status.status_code                     REL 
_pdbx_database_status.entry_id                        1XI7 
_pdbx_database_status.recvd_initial_deposition_date   2004-09-21 
_pdbx_database_status.deposit_site                    RCSB 
_pdbx_database_status.process_site                    PDBJ 
_pdbx_database_status.SG_entry                        . 
_pdbx_database_status.status_code_sf                  ? 
_pdbx_database_status.status_code_mr                  ? 
_pdbx_database_status.status_code_cs                  ? 
_pdbx_database_status.pdb_format_compatible           Y 
_pdbx_database_status.status_code_nmr_data            ? 
_pdbx_database_status.methods_development_category    ? 
# 
_pdbx_database_related.db_name        PDB 
_pdbx_database_related.db_id          1XJ1 
_pdbx_database_related.details        '25 Ensemble structures' 
_pdbx_database_related.content_type   unspecified 
# 
loop_
_audit_author.name 
_audit_author.pdbx_ordinal 
'Einerwold, J.' 1 
'Jaseja, M.'    2 
'Hapner, K.'    3 
'Webb, B.'      4 
'Copie, V.'     5 
# 
_citation.id                        primary 
_citation.title                     
;Solution structure of the carboxyl-terminal cysteine-rich domain of the VHv1.1 polydnaviral gene product: comparison with other cystine knot structural folds
;
_citation.journal_abbrev            Biochemistry 
_citation.journal_volume            40 
_citation.page_first                14404 
_citation.page_last                 14412 
_citation.year                      2001 
_citation.journal_id_ASTM           BICHAW 
_citation.country                   US 
_citation.journal_id_ISSN           0006-2960 
_citation.journal_id_CSD            0033 
_citation.book_publisher            ? 
_citation.pdbx_database_id_PubMed   11724552 
_citation.pdbx_database_id_DOI      10.1021/bi011499s 
# 
loop_
_citation_author.citation_id 
_citation_author.name 
_citation_author.ordinal 
_citation_author.identifier_ORCID 
primary 'Einerwold, J.' 1 ? 
primary 'Jaseja, M.'    2 ? 
primary 'Hapner, K.'    3 ? 
primary 'Webb, B.'      4 ? 
primary 'Copie, V.'     5 ? 
# 
_entity.id                         1 
_entity.type                       polymer 
_entity.src_method                 man 
_entity.pdbx_description           'cysteine-rich omega-conotoxin homolog VHv1.1' 
_entity.formula_weight             6521.473 
_entity.pdbx_number_of_molecules   1 
_entity.pdbx_ec                    ? 
_entity.pdbx_mutation              ? 
_entity.pdbx_fragment              'C-terminal cysteine-rich domain' 
_entity.details                    ? 
# 
_entity_name_com.entity_id   1 
_entity_name_com.name        'VHv1.1 protein' 
# 
_entity_poly.entity_id                      1 
_entity_poly.type                           'polypeptide(L)' 
_entity_poly.nstd_linkage                   no 
_entity_poly.nstd_monomer                   no 
_entity_poly.pdbx_seq_one_letter_code       AMVSSTCIGHYQKCVNADKPCCSKTVRYGDSKNVRKFICDRDGEGVCVPFDGGVRGLPNGA 
_entity_poly.pdbx_seq_one_letter_code_can   AMVSSTCIGHYQKCVNADKPCCSKTVRYGDSKNVRKFICDRDGEGVCVPFDGGVRGLPNGA 
_entity_poly.pdbx_strand_id                 A 
_entity_poly.pdbx_target_identifier         ? 
# 
loop_
_entity_poly_seq.entity_id 
_entity_poly_seq.num 
_entity_poly_seq.mon_id 
_entity_poly_seq.hetero 
1 1  ALA n 
1 2  MET n 
1 3  VAL n 
1 4  SER n 
1 5  SER n 
1 6  THR n 
1 7  CYS n 
1 8  ILE n 
1 9  GLY n 
1 10 HIS n 
1 11 TYR n 
1 12 GLN n 
1 13 LYS n 
1 14 CYS n 
1 15 VAL n 
1 16 ASN n 
1 17 ALA n 
1 18 ASP n 
1 19 LYS n 
1 20 PRO n 
1 21 CYS n 
1 22 CYS n 
1 23 SER n 
1 24 LYS n 
1 25 THR n 
1 26 VAL n 
1 27 ARG n 
1 28 TYR n 
1 29 GLY n 
1 30 ASP n 
1 31 SER n 
1 32 LYS n 
1 33 ASN n 
1 34 VAL n 
1 35 ARG n 
1 36 LYS n 
1 37 PHE n 
1 38 ILE n 
1 39 CYS n 
1 40 ASP n 
1 41 ARG n 
1 42 ASP n 
1 43 GLY n 
1 44 GLU n 
1 45 GLY n 
1 46 VAL n 
1 47 CYS n 
1 48 VAL n 
1 49 PRO n 
1 50 PHE n 
1 51 ASP n 
1 52 GLY n 
1 53 GLY n 
1 54 VAL n 
1 55 ARG n 
1 56 GLY n 
1 57 LEU n 
1 58 PRO n 
1 59 ASN n 
1 60 GLY n 
1 61 ALA n 
# 
_entity_src_gen.entity_id                          1 
_entity_src_gen.pdbx_src_id                        1 
_entity_src_gen.pdbx_alt_source_flag               sample 
_entity_src_gen.pdbx_seq_type                      ? 
_entity_src_gen.pdbx_beg_seq_num                   ? 
_entity_src_gen.pdbx_end_seq_num                   ? 
_entity_src_gen.gene_src_common_name               ? 
_entity_src_gen.gene_src_genus                     Ichnovirus 
_entity_src_gen.pdbx_gene_src_gene                 'pVX900 clone' 
_entity_src_gen.gene_src_species                   ? 
_entity_src_gen.gene_src_strain                    ? 
_entity_src_gen.gene_src_tissue                    ? 
_entity_src_gen.gene_src_tissue_fraction           ? 
_entity_src_gen.gene_src_details                   ? 
_entity_src_gen.pdbx_gene_src_fragment             ? 
_entity_src_gen.pdbx_gene_src_scientific_name      'Campoletis sonorensis ichnovirus' 
_entity_src_gen.pdbx_gene_src_ncbi_taxonomy_id     10484 
_entity_src_gen.pdbx_gene_src_variant              ? 
_entity_src_gen.pdbx_gene_src_cell_line            ? 
_entity_src_gen.pdbx_gene_src_atcc                 ? 
_entity_src_gen.pdbx_gene_src_organ                ? 
_entity_src_gen.pdbx_gene_src_organelle            ? 
_entity_src_gen.pdbx_gene_src_cell                 ? 
_entity_src_gen.pdbx_gene_src_cellular_location    ? 
_entity_src_gen.host_org_common_name               ? 
_entity_src_gen.pdbx_host_org_scientific_name      'Escherichia coli' 
_entity_src_gen.pdbx_host_org_ncbi_taxonomy_id     562 
_entity_src_gen.host_org_genus                     ? 
_entity_src_gen.pdbx_host_org_gene                 ? 
_entity_src_gen.pdbx_host_org_organ                ? 
_entity_src_gen.host_org_species                   ? 
_entity_src_gen.pdbx_host_org_tissue               ? 
_entity_src_gen.pdbx_host_org_tissue_fraction      ? 
_entity_src_gen.pdbx_host_org_strain               'BL21(DE3)' 
_entity_src_gen.pdbx_host_org_variant              ? 
_entity_src_gen.pdbx_host_org_cell_line            ? 
_entity_src_gen.pdbx_host_org_atcc                 ? 
_entity_src_gen.pdbx_host_org_culture_collection   ? 
_entity_src_gen.pdbx_host_org_cell                 ? 
_entity_src_gen.pdbx_host_org_organelle            ? 
_entity_src_gen.pdbx_host_org_cellular_location    ? 
_entity_src_gen.pdbx_host_org_vector_type          plasmid 
_entity_src_gen.pdbx_host_org_vector               ? 
_entity_src_gen.host_org_details                   ? 
_entity_src_gen.expression_system_id               ? 
_entity_src_gen.plasmid_name                       'pET-32b(+)' 
_entity_src_gen.plasmid_details                    ? 
_entity_src_gen.pdbx_description                   ? 
# 
loop_
_chem_comp.id 
_chem_comp.type 
_chem_comp.mon_nstd_flag 
_chem_comp.name 
_chem_comp.pdbx_synonyms 
_chem_comp.formula 
_chem_comp.formula_weight 
ALA 'L-peptide linking' y ALANINE         ? 'C3 H7 N O2'     89.093  
ARG 'L-peptide linking' y ARGININE        ? 'C6 H15 N4 O2 1' 175.209 
ASN 'L-peptide linking' y ASPARAGINE      ? 'C4 H8 N2 O3'    132.118 
ASP 'L-peptide linking' y 'ASPARTIC ACID' ? 'C4 H7 N O4'     133.103 
CYS 'L-peptide linking' y CYSTEINE        ? 'C3 H7 N O2 S'   121.158 
GLN 'L-peptide linking' y GLUTAMINE       ? 'C5 H10 N2 O3'   146.144 
GLU 'L-peptide linking' y 'GLUTAMIC ACID' ? 'C5 H9 N O4'     147.129 
GLY 'peptide linking'   y GLYCINE         ? 'C2 H5 N O2'     75.067  
HIS 'L-peptide linking' y HISTIDINE       ? 'C6 H10 N3 O2 1' 156.162 
ILE 'L-peptide linking' y ISOLEUCINE      ? 'C6 H13 N O2'    131.173 
LEU 'L-peptide linking' y LEUCINE         ? 'C6 H13 N O2'    131.173 
LYS 'L-peptide linking' y LYSINE          ? 'C6 H15 N2 O2 1' 147.195 
MET 'L-peptide linking' y METHIONINE      ? 'C5 H11 N O2 S'  149.211 
PHE 'L-peptide linking' y PHENYLALANINE   ? 'C9 H11 N O2'    165.189 
PRO 'L-peptide linking' y PROLINE         ? 'C5 H9 N O2'     115.130 
SER 'L-peptide linking' y SERINE          ? 'C3 H7 N O3'     105.093 
THR 'L-peptide linking' y THREONINE       ? 'C4 H9 N O3'     119.119 
TYR 'L-peptide linking' y TYROSINE        ? 'C9 H11 N O3'    181.189 
VAL 'L-peptide linking' y VALINE          ? 'C5 H11 N O2'    117.146 
# 
loop_
_pdbx_poly_seq_scheme.asym_id 
_pdbx_poly_seq_scheme.entity_id 
_pdbx_poly_seq_scheme.seq_id 
_pdbx_poly_seq_scheme.mon_id 
_pdbx_poly_seq_scheme.ndb_seq_num 
_pdbx_poly_seq_scheme.pdb_seq_num 
_pdbx_poly_seq_scheme.auth_seq_num 
_pdbx_poly_seq_scheme.pdb_mon_id 
_pdbx_poly_seq_scheme.auth_mon_id 
_pdbx_poly_seq_scheme.pdb_strand_id 
_pdbx_poly_seq_scheme.pdb_ins_code 
_pdbx_poly_seq_scheme.hetero 
A 1 1  ALA 1  1  ?  ?   ?   A . n 
A 1 2  MET 2  2  ?  ?   ?   A . n 
A 1 3  VAL 3  3  ?  ?   ?   A . n 
A 1 4  SER 4  4  ?  ?   ?   A . n 
A 1 5  SER 5  5  ?  ?   ?   A . n 
A 1 6  THR 6  6  6  THR THR A . n 
A 1 7  CYS 7  7  7  CYS CYS A . n 
A 1 8  ILE 8  8  8  ILE ILE A . n 
A 1 9  GLY 9  9  9  GLY GLY A . n 
A 1 10 HIS 10 10 10 HIS HIS A . n 
A 1 11 TYR 11 11 11 TYR TYR A . n 
A 1 12 GLN 12 12 12 GLN GLN A . n 
A 1 13 LYS 13 13 13 LYS LYS A . n 
A 1 14 CYS 14 14 14 CYS CYS A . n 
A 1 15 VAL 15 15 15 VAL VAL A . n 
A 1 16 ASN 16 16 16 ASN ASN A . n 
A 1 17 ALA 17 17 17 ALA ALA A . n 
A 1 18 ASP 18 18 18 ASP ASP A . n 
A 1 19 LYS 19 19 19 LYS LYS A . n 
A 1 20 PRO 20 20 20 PRO PRO A . n 
A 1 21 CYS 21 21 21 CYS CYS A . n 
A 1 22 CYS 22 22 22 CYS CYS A . n 
A 1 23 SER 23 23 23 SER SER A . n 
A 1 24 LYS 24 24 24 LYS LYS A . n 
A 1 25 THR 25 25 25 THR THR A . n 
A 1 26 VAL 26 26 26 VAL VAL A . n 
A 1 27 ARG 27 27 27 ARG ARG A . n 
A 1 28 TYR 28 28 28 TYR TYR A . n 
A 1 29 GLY 29 29 29 GLY GLY A . n 
A 1 30 ASP 30 30 30 ASP ASP A . n 
A 1 31 SER 31 31 31 SER SER A . n 
A 1 32 LYS 32 32 32 LYS LYS A . n 
A 1 33 ASN 33 33 33 ASN ASN A . n 
A 1 34 VAL 34 34 34 VAL VAL A . n 
A 1 35 ARG 35 35 35 ARG ARG A . n 
A 1 36 LYS 36 36 36 LYS LYS A . n 
A 1 37 PHE 37 37 37 PHE PHE A . n 
A 1 38 ILE 38 38 38 ILE ILE A . n 
A 1 39 CYS 39 39 39 CYS CYS A . n 
A 1 40 ASP 40 40 40 ASP ASP A . n 
A 1 41 ARG 41 41 41 ARG ARG A . n 
A 1 42 ASP 42 42 42 ASP ASP A . n 
A 1 43 GLY 43 43 43 GLY GLY A . n 
A 1 44 GLU 44 44 44 GLU GLU A . n 
A 1 45 GLY 45 45 45 GLY GLY A . n 
A 1 46 VAL 46 46 46 VAL VAL A . n 
A 1 47 CYS 47 47 47 CYS CYS A . n 
A 1 48 VAL 48 48 48 VAL VAL A . n 
A 1 49 PRO 49 49 49 PRO PRO A . n 
A 1 50 PHE 50 50 50 PHE PHE A . n 
A 1 51 ASP 51 51 51 ASP ASP A . n 
A 1 52 GLY 52 52 52 GLY GLY A . n 
A 1 53 GLY 53 53 ?  ?   ?   A . n 
A 1 54 VAL 54 54 ?  ?   ?   A . n 
A 1 55 ARG 55 55 ?  ?   ?   A . n 
A 1 56 GLY 56 56 ?  ?   ?   A . n 
A 1 57 LEU 57 57 ?  ?   ?   A . n 
A 1 58 PRO 58 58 ?  ?   ?   A . n 
A 1 59 ASN 59 59 ?  ?   ?   A . n 
A 1 60 GLY 60 60 ?  ?   ?   A . n 
A 1 61 ALA 61 61 ?  ?   ?   A . n 
# 
_exptl.entry_id          1XI7 
_exptl.method            'SOLUTION NMR' 
_exptl.crystals_number   ? 
# 
_exptl_crystal.id                    1 
_exptl_crystal.density_meas          ? 
_exptl_crystal.density_Matthews      ? 
_exptl_crystal.density_percent_sol   ? 
_exptl_crystal.description           ? 
# 
_diffrn.id                     1 
_diffrn.ambient_temp           ? 
_diffrn.ambient_temp_details   ? 
_diffrn.crystal_id             1 
# 
_diffrn_radiation.diffrn_id                        1 
_diffrn_radiation.wavelength_id                    1 
_diffrn_radiation.pdbx_monochromatic_or_laue_m_l   M 
_diffrn_radiation.monochromator                    ? 
_diffrn_radiation.pdbx_diffrn_protocol             'SINGLE WAVELENGTH' 
_diffrn_radiation.pdbx_scattering_type             x-ray 
# 
_diffrn_radiation_wavelength.id           1 
_diffrn_radiation_wavelength.wavelength   . 
_diffrn_radiation_wavelength.wt           1.0 
# 
_struct.entry_id                  1XI7 
_struct.title                     'NMR structure of the carboxyl-terminal cysteine domain of the VHv1.1 polydnaviral gene product' 
_struct.pdbx_model_details        ? 
_struct.pdbx_CASP_flag            ? 
_struct.pdbx_model_type_details   'minimized average' 
# 
_struct_keywords.entry_id        1XI7 
_struct_keywords.pdbx_keywords   'VIRAL PROTEIN' 
_struct_keywords.text            'cystine knot, antiparallel beta sheet structural scaffold, Viral protein' 
# 
_struct_asym.id                            A 
_struct_asym.pdbx_blank_PDB_chainid_flag   N 
_struct_asym.pdbx_modified                 N 
_struct_asym.entity_id                     1 
_struct_asym.details                       ? 
# 
_struct_ref.id                         1 
_struct_ref.db_name                    UNP 
_struct_ref.db_code                    Q89632_CSV 
_struct_ref.pdbx_db_accession          Q89632 
_struct_ref.entity_id                  1 
_struct_ref.pdbx_seq_one_letter_code   VSSTCIGHYQKCVNADKPCCSKTVRYGDSKNVRKFICDRDGEGVCVPFDGGVRGLPNGA 
_struct_ref.pdbx_align_begin           159 
_struct_ref.pdbx_db_isoform            ? 
# 
_struct_ref_seq.align_id                      1 
_struct_ref_seq.ref_id                        1 
_struct_ref_seq.pdbx_PDB_id_code              1XI7 
_struct_ref_seq.pdbx_strand_id                A 
_struct_ref_seq.seq_align_beg                 3 
_struct_ref_seq.pdbx_seq_align_beg_ins_code   ? 
_struct_ref_seq.seq_align_end                 61 
_struct_ref_seq.pdbx_seq_align_end_ins_code   ? 
_struct_ref_seq.pdbx_db_accession             Q89632 
_struct_ref_seq.db_align_beg                  159 
_struct_ref_seq.pdbx_db_align_beg_ins_code    ? 
_struct_ref_seq.db_align_end                  217 
_struct_ref_seq.pdbx_db_align_end_ins_code    ? 
_struct_ref_seq.pdbx_auth_seq_align_beg       3 
_struct_ref_seq.pdbx_auth_seq_align_end       61 
# 
loop_
_struct_ref_seq_dif.align_id 
_struct_ref_seq_dif.pdbx_pdb_id_code 
_struct_ref_seq_dif.mon_id 
_struct_ref_seq_dif.pdbx_pdb_strand_id 
_struct_ref_seq_dif.seq_num 
_struct_ref_seq_dif.pdbx_pdb_ins_code 
_struct_ref_seq_dif.pdbx_seq_db_name 
_struct_ref_seq_dif.pdbx_seq_db_accession_code 
_struct_ref_seq_dif.db_mon_id 
_struct_ref_seq_dif.pdbx_seq_db_seq_num 
_struct_ref_seq_dif.details 
_struct_ref_seq_dif.pdbx_auth_seq_num 
_struct_ref_seq_dif.pdbx_ordinal 
1 1XI7 ALA A 1 ? UNP Q89632 ? ? 'cloning artifact' 1 1 
1 1XI7 MET A 2 ? UNP Q89632 ? ? 'cloning artifact' 2 2 
# 
_pdbx_struct_assembly.id                   1 
_pdbx_struct_assembly.details              author_defined_assembly 
_pdbx_struct_assembly.method_details       ? 
_pdbx_struct_assembly.oligomeric_details   monomeric 
_pdbx_struct_assembly.oligomeric_count     1 
# 
_pdbx_struct_assembly_gen.assembly_id       1 
_pdbx_struct_assembly_gen.oper_expression   1 
_pdbx_struct_assembly_gen.asym_id_list      A 
# 
_pdbx_struct_oper_list.id                   1 
_pdbx_struct_oper_list.type                 'identity operation' 
_pdbx_struct_oper_list.name                 1_555 
_pdbx_struct_oper_list.symmetry_operation   x,y,z 
_pdbx_struct_oper_list.matrix[1][1]         1.0000000000 
_pdbx_struct_oper_list.matrix[1][2]         0.0000000000 
_pdbx_struct_oper_list.matrix[1][3]         0.0000000000 
_pdbx_struct_oper_list.vector[1]            0.0000000000 
_pdbx_struct_oper_list.matrix[2][1]         0.0000000000 
_pdbx_struct_oper_list.matrix[2][2]         1.0000000000 
_pdbx_struct_oper_list.matrix[2][3]         0.0000000000 
_pdbx_struct_oper_list.vector[2]            0.0000000000 
_pdbx_struct_oper_list.matrix[3][1]         0.0000000000 
_pdbx_struct_oper_list.matrix[3][2]         0.0000000000 
_pdbx_struct_oper_list.matrix[3][3]         1.0000000000 
_pdbx_struct_oper_list.vector[3]            0.0000000000 
# 
_struct_biol.id        1 
_struct_biol.details   ? 
# 
loop_
_struct_conn.id 
_struct_conn.conn_type_id 
_struct_conn.pdbx_leaving_atom_flag 
_struct_conn.pdbx_PDB_id 
_struct_conn.ptnr1_label_asym_id 
_struct_conn.ptnr1_label_comp_id 
_struct_conn.ptnr1_label_seq_id 
_struct_conn.ptnr1_label_atom_id 
_struct_conn.pdbx_ptnr1_label_alt_id 
_struct_conn.pdbx_ptnr1_PDB_ins_code 
_struct_conn.pdbx_ptnr1_standard_comp_id 
_struct_conn.ptnr1_symmetry 
_struct_conn.ptnr2_label_asym_id 
_struct_conn.ptnr2_label_comp_id 
_struct_conn.ptnr2_label_seq_id 
_struct_conn.ptnr2_label_atom_id 
_struct_conn.pdbx_ptnr2_label_alt_id 
_struct_conn.pdbx_ptnr2_PDB_ins_code 
_struct_conn.ptnr1_auth_asym_id 
_struct_conn.ptnr1_auth_comp_id 
_struct_conn.ptnr1_auth_seq_id 
_struct_conn.ptnr2_auth_asym_id 
_struct_conn.ptnr2_auth_comp_id 
_struct_conn.ptnr2_auth_seq_id 
_struct_conn.ptnr2_symmetry 
_struct_conn.pdbx_ptnr3_label_atom_id 
_struct_conn.pdbx_ptnr3_label_seq_id 
_struct_conn.pdbx_ptnr3_label_comp_id 
_struct_conn.pdbx_ptnr3_label_asym_id 
_struct_conn.pdbx_ptnr3_label_alt_id 
_struct_conn.pdbx_ptnr3_PDB_ins_code 
_struct_conn.details 
_struct_conn.pdbx_dist_value 
_struct_conn.pdbx_value_order 
_struct_conn.pdbx_role 
disulf1 disulf ? ? A CYS 7  SG ? ? ? 1_555 A CYS 22 SG ? ? A CYS 7  A CYS 22 1_555 ? ? ? ? ? ? ? 2.030 ? ? 
disulf2 disulf ? ? A CYS 14 SG ? ? ? 1_555 A CYS 39 SG ? ? A CYS 14 A CYS 39 1_555 ? ? ? ? ? ? ? 2.030 ? ? 
disulf3 disulf ? ? A CYS 21 SG ? ? ? 1_555 A CYS 47 SG ? ? A CYS 21 A CYS 47 1_555 ? ? ? ? ? ? ? 2.031 ? ? 
# 
_struct_conn_type.id          disulf 
_struct_conn_type.criteria    ? 
_struct_conn_type.reference   ? 
# 
loop_
_pdbx_modification_feature.ordinal 
_pdbx_modification_feature.label_comp_id 
_pdbx_modification_feature.label_asym_id 
_pdbx_modification_feature.label_seq_id 
_pdbx_modification_feature.label_alt_id 
_pdbx_modification_feature.modified_residue_label_comp_id 
_pdbx_modification_feature.modified_residue_label_asym_id 
_pdbx_modification_feature.modified_residue_label_seq_id 
_pdbx_modification_feature.modified_residue_label_alt_id 
_pdbx_modification_feature.auth_comp_id 
_pdbx_modification_feature.auth_asym_id 
_pdbx_modification_feature.auth_seq_id 
_pdbx_modification_feature.PDB_ins_code 
_pdbx_modification_feature.symmetry 
_pdbx_modification_feature.modified_residue_auth_comp_id 
_pdbx_modification_feature.modified_residue_auth_asym_id 
_pdbx_modification_feature.modified_residue_auth_seq_id 
_pdbx_modification_feature.modified_residue_PDB_ins_code 
_pdbx_modification_feature.modified_residue_symmetry 
_pdbx_modification_feature.comp_id_linking_atom 
_pdbx_modification_feature.modified_residue_id_linking_atom 
_pdbx_modification_feature.modified_residue_id 
_pdbx_modification_feature.ref_pcm_id 
_pdbx_modification_feature.ref_comp_id 
_pdbx_modification_feature.type 
_pdbx_modification_feature.category 
1 CYS A 7  ? CYS A 22 ? CYS A 7  ? 1_555 CYS A 22 ? 1_555 SG SG . . . None 'Disulfide bridge' 
2 CYS A 14 ? CYS A 39 ? CYS A 14 ? 1_555 CYS A 39 ? 1_555 SG SG . . . None 'Disulfide bridge' 
3 CYS A 21 ? CYS A 47 ? CYS A 21 ? 1_555 CYS A 47 ? 1_555 SG SG . . . None 'Disulfide bridge' 
# 
_struct_sheet.id               A 
_struct_sheet.type             ? 
_struct_sheet.number_strands   4 
_struct_sheet.details          ? 
# 
loop_
_struct_sheet_order.sheet_id 
_struct_sheet_order.range_id_1 
_struct_sheet_order.range_id_2 
_struct_sheet_order.offset 
_struct_sheet_order.sense 
A 1 2 ? anti-parallel 
A 2 3 ? anti-parallel 
A 3 4 ? anti-parallel 
# 
loop_
_struct_sheet_range.sheet_id 
_struct_sheet_range.id 
_struct_sheet_range.beg_label_comp_id 
_struct_sheet_range.beg_label_asym_id 
_struct_sheet_range.beg_label_seq_id 
_struct_sheet_range.pdbx_beg_PDB_ins_code 
_struct_sheet_range.end_label_comp_id 
_struct_sheet_range.end_label_asym_id 
_struct_sheet_range.end_label_seq_id 
_struct_sheet_range.pdbx_end_PDB_ins_code 
_struct_sheet_range.beg_auth_comp_id 
_struct_sheet_range.beg_auth_asym_id 
_struct_sheet_range.beg_auth_seq_id 
_struct_sheet_range.end_auth_comp_id 
_struct_sheet_range.end_auth_asym_id 
_struct_sheet_range.end_auth_seq_id 
A 1 GLN A 12 ? LYS A 13 ? GLN A 12 LYS A 13 
A 2 VAL A 46 ? PHE A 50 ? VAL A 46 PHE A 50 
A 3 ASN A 33 ? ASP A 40 ? ASN A 33 ASP A 40 
A 4 LYS A 24 ? VAL A 26 ? LYS A 24 VAL A 26 
# 
loop_
_pdbx_struct_sheet_hbond.sheet_id 
_pdbx_struct_sheet_hbond.range_id_1 
_pdbx_struct_sheet_hbond.range_id_2 
_pdbx_struct_sheet_hbond.range_1_label_atom_id 
_pdbx_struct_sheet_hbond.range_1_label_comp_id 
_pdbx_struct_sheet_hbond.range_1_label_asym_id 
_pdbx_struct_sheet_hbond.range_1_label_seq_id 
_pdbx_struct_sheet_hbond.range_1_PDB_ins_code 
_pdbx_struct_sheet_hbond.range_1_auth_atom_id 
_pdbx_struct_sheet_hbond.range_1_auth_comp_id 
_pdbx_struct_sheet_hbond.range_1_auth_asym_id 
_pdbx_struct_sheet_hbond.range_1_auth_seq_id 
_pdbx_struct_sheet_hbond.range_2_label_atom_id 
_pdbx_struct_sheet_hbond.range_2_label_comp_id 
_pdbx_struct_sheet_hbond.range_2_label_asym_id 
_pdbx_struct_sheet_hbond.range_2_label_seq_id 
_pdbx_struct_sheet_hbond.range_2_PDB_ins_code 
_pdbx_struct_sheet_hbond.range_2_auth_atom_id 
_pdbx_struct_sheet_hbond.range_2_auth_comp_id 
_pdbx_struct_sheet_hbond.range_2_auth_asym_id 
_pdbx_struct_sheet_hbond.range_2_auth_seq_id 
A 1 2 N GLN A 12 ? N GLN A 12 O CYS A 47 ? O CYS A 47 
A 2 3 O PHE A 50 ? O PHE A 50 N LYS A 36 ? N LYS A 36 
A 3 4 O ASN A 33 ? O ASN A 33 N VAL A 26 ? N VAL A 26 
# 
_pdbx_entry_details.entry_id                   1XI7 
_pdbx_entry_details.compound_details           ? 
_pdbx_entry_details.source_details             ? 
_pdbx_entry_details.nonpolymer_details         ? 
_pdbx_entry_details.sequence_details           ? 
_pdbx_entry_details.has_ligand_of_interest     ? 
_pdbx_entry_details.has_protein_modification   Y 
# 
loop_
_pdbx_validate_torsion.id 
_pdbx_validate_torsion.PDB_model_num 
_pdbx_validate_torsion.auth_comp_id 
_pdbx_validate_torsion.auth_asym_id 
_pdbx_validate_torsion.auth_seq_id 
_pdbx_validate_torsion.PDB_ins_code 
_pdbx_validate_torsion.label_alt_id 
_pdbx_validate_torsion.phi 
_pdbx_validate_torsion.psi 
1 1 TYR A 11 ? ? 61.12   61.10   
2 1 ASN A 16 ? ? -96.83  40.61   
3 1 ALA A 17 ? ? -175.32 115.71  
4 1 TYR A 28 ? ? 63.11   133.39  
5 1 PHE A 50 ? ? -160.13 -165.93 
6 1 ASP A 51 ? ? 64.51   118.97  
# 
_pdbx_nmr_ensemble.entry_id                                      1XI7 
_pdbx_nmr_ensemble.conformers_calculated_total_number            1 
_pdbx_nmr_ensemble.conformers_submitted_total_number             1 
_pdbx_nmr_ensemble.conformer_selection_criteria                  'AVERAGE STRUCTURE' 
_pdbx_nmr_ensemble.average_constraints_per_residue               ? 
_pdbx_nmr_ensemble.average_constraint_violations_per_residue     ? 
_pdbx_nmr_ensemble.maximum_distance_constraint_violation         ? 
_pdbx_nmr_ensemble.average_distance_constraint_violation         ? 
_pdbx_nmr_ensemble.maximum_upper_distance_constraint_violation   ? 
_pdbx_nmr_ensemble.maximum_lower_distance_constraint_violation   ? 
_pdbx_nmr_ensemble.distance_constraint_violation_method          ? 
_pdbx_nmr_ensemble.maximum_torsion_angle_constraint_violation    ? 
_pdbx_nmr_ensemble.average_torsion_angle_constraint_violation    ? 
_pdbx_nmr_ensemble.torsion_angle_constraint_violation_method     ? 
# 
_pdbx_nmr_representative.entry_id             1XI7 
_pdbx_nmr_representative.conformer_id         1 
_pdbx_nmr_representative.selection_criteria   'minimized average structure' 
# 
_pdbx_nmr_sample_details.solution_id      1 
_pdbx_nmr_sample_details.contents         '1mM C-term VHv1.1, 25mM phosphate buffer, 100mM NaCl, 1mM EDTA, 0.01% sodium azide' 
_pdbx_nmr_sample_details.solvent_system   '95% H2O/5% D2O' 
# 
loop_
_pdbx_nmr_exptl_sample_conditions.conditions_id 
_pdbx_nmr_exptl_sample_conditions.temperature 
_pdbx_nmr_exptl_sample_conditions.pressure 
_pdbx_nmr_exptl_sample_conditions.pH 
_pdbx_nmr_exptl_sample_conditions.ionic_strength 
_pdbx_nmr_exptl_sample_conditions.pressure_units 
_pdbx_nmr_exptl_sample_conditions.temperature_units 
1 310 ambient 5.7 '100mM NaCl' ? K 
2 315 ambient 5.7 '100mM NaCl' ? K 
3 305 ambient 5.0 '100mM NaCl' ? K 
# 
loop_
_pdbx_nmr_exptl.experiment_id 
_pdbx_nmr_exptl.solution_id 
_pdbx_nmr_exptl.conditions_id 
_pdbx_nmr_exptl.type 
1 1 1 '2D NOESY' 
2 1 1 '2D TOCSY' 
3 1 1 DQF-COSY   
# 
_pdbx_nmr_details.entry_id   1XI7 
_pdbx_nmr_details.text       'This structure was determined using standard 2D proton NMR techniques' 
# 
_pdbx_nmr_refine.entry_id           1XI7 
_pdbx_nmr_refine.method             'torsion angle dynamics & simulated annealing protocol using the CNS program' 
_pdbx_nmr_refine.details            ? 
_pdbx_nmr_refine.software_ordinal   1 
# 
loop_
_pdbx_nmr_software.name 
_pdbx_nmr_software.version 
_pdbx_nmr_software.classification 
_pdbx_nmr_software.authors 
_pdbx_nmr_software.ordinal 
XwinNMR 2.6 'data analysis'      'Bruker Inc.' 1 
CNS     1.0 'structure solution' Brunger       2 
CNS     1.0 refinement           Brunger       3 
# 
loop_
_pdbx_unobs_or_zero_occ_residues.id 
_pdbx_unobs_or_zero_occ_residues.PDB_model_num 
_pdbx_unobs_or_zero_occ_residues.polymer_flag 
_pdbx_unobs_or_zero_occ_residues.occupancy_flag 
_pdbx_unobs_or_zero_occ_residues.auth_asym_id 
_pdbx_unobs_or_zero_occ_residues.auth_comp_id 
_pdbx_unobs_or_zero_occ_residues.auth_seq_id 
_pdbx_unobs_or_zero_occ_residues.PDB_ins_code 
_pdbx_unobs_or_zero_occ_residues.label_asym_id 
_pdbx_unobs_or_zero_occ_residues.label_comp_id 
_pdbx_unobs_or_zero_occ_residues.label_seq_id 
1  1 Y 1 A ALA 1  ? A ALA 1  
2  1 Y 1 A MET 2  ? A MET 2  
3  1 Y 1 A VAL 3  ? A VAL 3  
4  1 Y 1 A SER 4  ? A SER 4  
5  1 Y 1 A SER 5  ? A SER 5  
6  1 Y 1 A GLY 53 ? A GLY 53 
7  1 Y 1 A VAL 54 ? A VAL 54 
8  1 Y 1 A ARG 55 ? A ARG 55 
9  1 Y 1 A GLY 56 ? A GLY 56 
10 1 Y 1 A LEU 57 ? A LEU 57 
11 1 Y 1 A PRO 58 ? A PRO 58 
12 1 Y 1 A ASN 59 ? A ASN 59 
13 1 Y 1 A GLY 60 ? A GLY 60 
14 1 Y 1 A ALA 61 ? A ALA 61 
# 
loop_
_chem_comp_atom.comp_id 
_chem_comp_atom.atom_id 
_chem_comp_atom.type_symbol 
_chem_comp_atom.pdbx_aromatic_flag 
_chem_comp_atom.pdbx_stereo_config 
_chem_comp_atom.pdbx_ordinal 
ALA N    N N N 1   
ALA CA   C N S 2   
ALA C    C N N 3   
ALA O    O N N 4   
ALA CB   C N N 5   
ALA OXT  O N N 6   
ALA H    H N N 7   
ALA H2   H N N 8   
ALA HA   H N N 9   
ALA HB1  H N N 10  
ALA HB2  H N N 11  
ALA HB3  H N N 12  
ALA HXT  H N N 13  
ARG N    N N N 14  
ARG CA   C N S 15  
ARG C    C N N 16  
ARG O    O N N 17  
ARG CB   C N N 18  
ARG CG   C N N 19  
ARG CD   C N N 20  
ARG NE   N N N 21  
ARG CZ   C N N 22  
ARG NH1  N N N 23  
ARG NH2  N N N 24  
ARG OXT  O N N 25  
ARG H    H N N 26  
ARG H2   H N N 27  
ARG HA   H N N 28  
ARG HB2  H N N 29  
ARG HB3  H N N 30  
ARG HG2  H N N 31  
ARG HG3  H N N 32  
ARG HD2  H N N 33  
ARG HD3  H N N 34  
ARG HE   H N N 35  
ARG HH11 H N N 36  
ARG HH12 H N N 37  
ARG HH21 H N N 38  
ARG HH22 H N N 39  
ARG HXT  H N N 40  
ASN N    N N N 41  
ASN CA   C N S 42  
ASN C    C N N 43  
ASN O    O N N 44  
ASN CB   C N N 45  
ASN CG   C N N 46  
ASN OD1  O N N 47  
ASN ND2  N N N 48  
ASN OXT  O N N 49  
ASN H    H N N 50  
ASN H2   H N N 51  
ASN HA   H N N 52  
ASN HB2  H N N 53  
ASN HB3  H N N 54  
ASN HD21 H N N 55  
ASN HD22 H N N 56  
ASN HXT  H N N 57  
ASP N    N N N 58  
ASP CA   C N S 59  
ASP C    C N N 60  
ASP O    O N N 61  
ASP CB   C N N 62  
ASP CG   C N N 63  
ASP OD1  O N N 64  
ASP OD2  O N N 65  
ASP OXT  O N N 66  
ASP H    H N N 67  
ASP H2   H N N 68  
ASP HA   H N N 69  
ASP HB2  H N N 70  
ASP HB3  H N N 71  
ASP HD2  H N N 72  
ASP HXT  H N N 73  
CYS N    N N N 74  
CYS CA   C N R 75  
CYS C    C N N 76  
CYS O    O N N 77  
CYS CB   C N N 78  
CYS SG   S N N 79  
CYS OXT  O N N 80  
CYS H    H N N 81  
CYS H2   H N N 82  
CYS HA   H N N 83  
CYS HB2  H N N 84  
CYS HB3  H N N 85  
CYS HG   H N N 86  
CYS HXT  H N N 87  
GLN N    N N N 88  
GLN CA   C N S 89  
GLN C    C N N 90  
GLN O    O N N 91  
GLN CB   C N N 92  
GLN CG   C N N 93  
GLN CD   C N N 94  
GLN OE1  O N N 95  
GLN NE2  N N N 96  
GLN OXT  O N N 97  
GLN H    H N N 98  
GLN H2   H N N 99  
GLN HA   H N N 100 
GLN HB2  H N N 101 
GLN HB3  H N N 102 
GLN HG2  H N N 103 
GLN HG3  H N N 104 
GLN HE21 H N N 105 
GLN HE22 H N N 106 
GLN HXT  H N N 107 
GLU N    N N N 108 
GLU CA   C N S 109 
GLU C    C N N 110 
GLU O    O N N 111 
GLU CB   C N N 112 
GLU CG   C N N 113 
GLU CD   C N N 114 
GLU OE1  O N N 115 
GLU OE2  O N N 116 
GLU OXT  O N N 117 
GLU H    H N N 118 
GLU H2   H N N 119 
GLU HA   H N N 120 
GLU HB2  H N N 121 
GLU HB3  H N N 122 
GLU HG2  H N N 123 
GLU HG3  H N N 124 
GLU HE2  H N N 125 
GLU HXT  H N N 126 
GLY N    N N N 127 
GLY CA   C N N 128 
GLY C    C N N 129 
GLY O    O N N 130 
GLY OXT  O N N 131 
GLY H    H N N 132 
GLY H2   H N N 133 
GLY HA2  H N N 134 
GLY HA3  H N N 135 
GLY HXT  H N N 136 
HIS N    N N N 137 
HIS CA   C N S 138 
HIS C    C N N 139 
HIS O    O N N 140 
HIS CB   C N N 141 
HIS CG   C Y N 142 
HIS ND1  N Y N 143 
HIS CD2  C Y N 144 
HIS CE1  C Y N 145 
HIS NE2  N Y N 146 
HIS OXT  O N N 147 
HIS H    H N N 148 
HIS H2   H N N 149 
HIS HA   H N N 150 
HIS HB2  H N N 151 
HIS HB3  H N N 152 
HIS HD1  H N N 153 
HIS HD2  H N N 154 
HIS HE1  H N N 155 
HIS HE2  H N N 156 
HIS HXT  H N N 157 
ILE N    N N N 158 
ILE CA   C N S 159 
ILE C    C N N 160 
ILE O    O N N 161 
ILE CB   C N S 162 
ILE CG1  C N N 163 
ILE CG2  C N N 164 
ILE CD1  C N N 165 
ILE OXT  O N N 166 
ILE H    H N N 167 
ILE H2   H N N 168 
ILE HA   H N N 169 
ILE HB   H N N 170 
ILE HG12 H N N 171 
ILE HG13 H N N 172 
ILE HG21 H N N 173 
ILE HG22 H N N 174 
ILE HG23 H N N 175 
ILE HD11 H N N 176 
ILE HD12 H N N 177 
ILE HD13 H N N 178 
ILE HXT  H N N 179 
LEU N    N N N 180 
LEU CA   C N S 181 
LEU C    C N N 182 
LEU O    O N N 183 
LEU CB   C N N 184 
LEU CG   C N N 185 
LEU CD1  C N N 186 
LEU CD2  C N N 187 
LEU OXT  O N N 188 
LEU H    H N N 189 
LEU H2   H N N 190 
LEU HA   H N N 191 
LEU HB2  H N N 192 
LEU HB3  H N N 193 
LEU HG   H N N 194 
LEU HD11 H N N 195 
LEU HD12 H N N 196 
LEU HD13 H N N 197 
LEU HD21 H N N 198 
LEU HD22 H N N 199 
LEU HD23 H N N 200 
LEU HXT  H N N 201 
LYS N    N N N 202 
LYS CA   C N S 203 
LYS C    C N N 204 
LYS O    O N N 205 
LYS CB   C N N 206 
LYS CG   C N N 207 
LYS CD   C N N 208 
LYS CE   C N N 209 
LYS NZ   N N N 210 
LYS OXT  O N N 211 
LYS H    H N N 212 
LYS H2   H N N 213 
LYS HA   H N N 214 
LYS HB2  H N N 215 
LYS HB3  H N N 216 
LYS HG2  H N N 217 
LYS HG3  H N N 218 
LYS HD2  H N N 219 
LYS HD3  H N N 220 
LYS HE2  H N N 221 
LYS HE3  H N N 222 
LYS HZ1  H N N 223 
LYS HZ2  H N N 224 
LYS HZ3  H N N 225 
LYS HXT  H N N 226 
MET N    N N N 227 
MET CA   C N S 228 
MET C    C N N 229 
MET O    O N N 230 
MET CB   C N N 231 
MET CG   C N N 232 
MET SD   S N N 233 
MET CE   C N N 234 
MET OXT  O N N 235 
MET H    H N N 236 
MET H2   H N N 237 
MET HA   H N N 238 
MET HB2  H N N 239 
MET HB3  H N N 240 
MET HG2  H N N 241 
MET HG3  H N N 242 
MET HE1  H N N 243 
MET HE2  H N N 244 
MET HE3  H N N 245 
MET HXT  H N N 246 
PHE N    N N N 247 
PHE CA   C N S 248 
PHE C    C N N 249 
PHE O    O N N 250 
PHE CB   C N N 251 
PHE CG   C Y N 252 
PHE CD1  C Y N 253 
PHE CD2  C Y N 254 
PHE CE1  C Y N 255 
PHE CE2  C Y N 256 
PHE CZ   C Y N 257 
PHE OXT  O N N 258 
PHE H    H N N 259 
PHE H2   H N N 260 
PHE HA   H N N 261 
PHE HB2  H N N 262 
PHE HB3  H N N 263 
PHE HD1  H N N 264 
PHE HD2  H N N 265 
PHE HE1  H N N 266 
PHE HE2  H N N 267 
PHE HZ   H N N 268 
PHE HXT  H N N 269 
PRO N    N N N 270 
PRO CA   C N S 271 
PRO C    C N N 272 
PRO O    O N N 273 
PRO CB   C N N 274 
PRO CG   C N N 275 
PRO CD   C N N 276 
PRO OXT  O N N 277 
PRO H    H N N 278 
PRO HA   H N N 279 
PRO HB2  H N N 280 
PRO HB3  H N N 281 
PRO HG2  H N N 282 
PRO HG3  H N N 283 
PRO HD2  H N N 284 
PRO HD3  H N N 285 
PRO HXT  H N N 286 
SER N    N N N 287 
SER CA   C N S 288 
SER C    C N N 289 
SER O    O N N 290 
SER CB   C N N 291 
SER OG   O N N 292 
SER OXT  O N N 293 
SER H    H N N 294 
SER H2   H N N 295 
SER HA   H N N 296 
SER HB2  H N N 297 
SER HB3  H N N 298 
SER HG   H N N 299 
SER HXT  H N N 300 
THR N    N N N 301 
THR CA   C N S 302 
THR C    C N N 303 
THR O    O N N 304 
THR CB   C N R 305 
THR OG1  O N N 306 
THR CG2  C N N 307 
THR OXT  O N N 308 
THR H    H N N 309 
THR H2   H N N 310 
THR HA   H N N 311 
THR HB   H N N 312 
THR HG1  H N N 313 
THR HG21 H N N 314 
THR HG22 H N N 315 
THR HG23 H N N 316 
THR HXT  H N N 317 
TYR N    N N N 318 
TYR CA   C N S 319 
TYR C    C N N 320 
TYR O    O N N 321 
TYR CB   C N N 322 
TYR CG   C Y N 323 
TYR CD1  C Y N 324 
TYR CD2  C Y N 325 
TYR CE1  C Y N 326 
TYR CE2  C Y N 327 
TYR CZ   C Y N 328 
TYR OH   O N N 329 
TYR OXT  O N N 330 
TYR H    H N N 331 
TYR H2   H N N 332 
TYR HA   H N N 333 
TYR HB2  H N N 334 
TYR HB3  H N N 335 
TYR HD1  H N N 336 
TYR HD2  H N N 337 
TYR HE1  H N N 338 
TYR HE2  H N N 339 
TYR HH   H N N 340 
TYR HXT  H N N 341 
VAL N    N N N 342 
VAL CA   C N S 343 
VAL C    C N N 344 
VAL O    O N N 345 
VAL CB   C N N 346 
VAL CG1  C N N 347 
VAL CG2  C N N 348 
VAL OXT  O N N 349 
VAL H    H N N 350 
VAL H2   H N N 351 
VAL HA   H N N 352 
VAL HB   H N N 353 
VAL HG11 H N N 354 
VAL HG12 H N N 355 
VAL HG13 H N N 356 
VAL HG21 H N N 357 
VAL HG22 H N N 358 
VAL HG23 H N N 359 
VAL HXT  H N N 360 
# 
loop_
_chem_comp_bond.comp_id 
_chem_comp_bond.atom_id_1 
_chem_comp_bond.atom_id_2 
_chem_comp_bond.value_order 
_chem_comp_bond.pdbx_aromatic_flag 
_chem_comp_bond.pdbx_stereo_config 
_chem_comp_bond.pdbx_ordinal 
ALA N   CA   sing N N 1   
ALA N   H    sing N N 2   
ALA N   H2   sing N N 3   
ALA CA  C    sing N N 4   
ALA CA  CB   sing N N 5   
ALA CA  HA   sing N N 6   
ALA C   O    doub N N 7   
ALA C   OXT  sing N N 8   
ALA CB  HB1  sing N N 9   
ALA CB  HB2  sing N N 10  
ALA CB  HB3  sing N N 11  
ALA OXT HXT  sing N N 12  
ARG N   CA   sing N N 13  
ARG N   H    sing N N 14  
ARG N   H2   sing N N 15  
ARG CA  C    sing N N 16  
ARG CA  CB   sing N N 17  
ARG CA  HA   sing N N 18  
ARG C   O    doub N N 19  
ARG C   OXT  sing N N 20  
ARG CB  CG   sing N N 21  
ARG CB  HB2  sing N N 22  
ARG CB  HB3  sing N N 23  
ARG CG  CD   sing N N 24  
ARG CG  HG2  sing N N 25  
ARG CG  HG3  sing N N 26  
ARG CD  NE   sing N N 27  
ARG CD  HD2  sing N N 28  
ARG CD  HD3  sing N N 29  
ARG NE  CZ   sing N N 30  
ARG NE  HE   sing N N 31  
ARG CZ  NH1  sing N N 32  
ARG CZ  NH2  doub N N 33  
ARG NH1 HH11 sing N N 34  
ARG NH1 HH12 sing N N 35  
ARG NH2 HH21 sing N N 36  
ARG NH2 HH22 sing N N 37  
ARG OXT HXT  sing N N 38  
ASN N   CA   sing N N 39  
ASN N   H    sing N N 40  
ASN N   H2   sing N N 41  
ASN CA  C    sing N N 42  
ASN CA  CB   sing N N 43  
ASN CA  HA   sing N N 44  
ASN C   O    doub N N 45  
ASN C   OXT  sing N N 46  
ASN CB  CG   sing N N 47  
ASN CB  HB2  sing N N 48  
ASN CB  HB3  sing N N 49  
ASN CG  OD1  doub N N 50  
ASN CG  ND2  sing N N 51  
ASN ND2 HD21 sing N N 52  
ASN ND2 HD22 sing N N 53  
ASN OXT HXT  sing N N 54  
ASP N   CA   sing N N 55  
ASP N   H    sing N N 56  
ASP N   H2   sing N N 57  
ASP CA  C    sing N N 58  
ASP CA  CB   sing N N 59  
ASP CA  HA   sing N N 60  
ASP C   O    doub N N 61  
ASP C   OXT  sing N N 62  
ASP CB  CG   sing N N 63  
ASP CB  HB2  sing N N 64  
ASP CB  HB3  sing N N 65  
ASP CG  OD1  doub N N 66  
ASP CG  OD2  sing N N 67  
ASP OD2 HD2  sing N N 68  
ASP OXT HXT  sing N N 69  
CYS N   CA   sing N N 70  
CYS N   H    sing N N 71  
CYS N   H2   sing N N 72  
CYS CA  C    sing N N 73  
CYS CA  CB   sing N N 74  
CYS CA  HA   sing N N 75  
CYS C   O    doub N N 76  
CYS C   OXT  sing N N 77  
CYS CB  SG   sing N N 78  
CYS CB  HB2  sing N N 79  
CYS CB  HB3  sing N N 80  
CYS SG  HG   sing N N 81  
CYS OXT HXT  sing N N 82  
GLN N   CA   sing N N 83  
GLN N   H    sing N N 84  
GLN N   H2   sing N N 85  
GLN CA  C    sing N N 86  
GLN CA  CB   sing N N 87  
GLN CA  HA   sing N N 88  
GLN C   O    doub N N 89  
GLN C   OXT  sing N N 90  
GLN CB  CG   sing N N 91  
GLN CB  HB2  sing N N 92  
GLN CB  HB3  sing N N 93  
GLN CG  CD   sing N N 94  
GLN CG  HG2  sing N N 95  
GLN CG  HG3  sing N N 96  
GLN CD  OE1  doub N N 97  
GLN CD  NE2  sing N N 98  
GLN NE2 HE21 sing N N 99  
GLN NE2 HE22 sing N N 100 
GLN OXT HXT  sing N N 101 
GLU N   CA   sing N N 102 
GLU N   H    sing N N 103 
GLU N   H2   sing N N 104 
GLU CA  C    sing N N 105 
GLU CA  CB   sing N N 106 
GLU CA  HA   sing N N 107 
GLU C   O    doub N N 108 
GLU C   OXT  sing N N 109 
GLU CB  CG   sing N N 110 
GLU CB  HB2  sing N N 111 
GLU CB  HB3  sing N N 112 
GLU CG  CD   sing N N 113 
GLU CG  HG2  sing N N 114 
GLU CG  HG3  sing N N 115 
GLU CD  OE1  doub N N 116 
GLU CD  OE2  sing N N 117 
GLU OE2 HE2  sing N N 118 
GLU OXT HXT  sing N N 119 
GLY N   CA   sing N N 120 
GLY N   H    sing N N 121 
GLY N   H2   sing N N 122 
GLY CA  C    sing N N 123 
GLY CA  HA2  sing N N 124 
GLY CA  HA3  sing N N 125 
GLY C   O    doub N N 126 
GLY C   OXT  sing N N 127 
GLY OXT HXT  sing N N 128 
HIS N   CA   sing N N 129 
HIS N   H    sing N N 130 
HIS N   H2   sing N N 131 
HIS CA  C    sing N N 132 
HIS CA  CB   sing N N 133 
HIS CA  HA   sing N N 134 
HIS C   O    doub N N 135 
HIS C   OXT  sing N N 136 
HIS CB  CG   sing N N 137 
HIS CB  HB2  sing N N 138 
HIS CB  HB3  sing N N 139 
HIS CG  ND1  sing Y N 140 
HIS CG  CD2  doub Y N 141 
HIS ND1 CE1  doub Y N 142 
HIS ND1 HD1  sing N N 143 
HIS CD2 NE2  sing Y N 144 
HIS CD2 HD2  sing N N 145 
HIS CE1 NE2  sing Y N 146 
HIS CE1 HE1  sing N N 147 
HIS NE2 HE2  sing N N 148 
HIS OXT HXT  sing N N 149 
ILE N   CA   sing N N 150 
ILE N   H    sing N N 151 
ILE N   H2   sing N N 152 
ILE CA  C    sing N N 153 
ILE CA  CB   sing N N 154 
ILE CA  HA   sing N N 155 
ILE C   O    doub N N 156 
ILE C   OXT  sing N N 157 
ILE CB  CG1  sing N N 158 
ILE CB  CG2  sing N N 159 
ILE CB  HB   sing N N 160 
ILE CG1 CD1  sing N N 161 
ILE CG1 HG12 sing N N 162 
ILE CG1 HG13 sing N N 163 
ILE CG2 HG21 sing N N 164 
ILE CG2 HG22 sing N N 165 
ILE CG2 HG23 sing N N 166 
ILE CD1 HD11 sing N N 167 
ILE CD1 HD12 sing N N 168 
ILE CD1 HD13 sing N N 169 
ILE OXT HXT  sing N N 170 
LEU N   CA   sing N N 171 
LEU N   H    sing N N 172 
LEU N   H2   sing N N 173 
LEU CA  C    sing N N 174 
LEU CA  CB   sing N N 175 
LEU CA  HA   sing N N 176 
LEU C   O    doub N N 177 
LEU C   OXT  sing N N 178 
LEU CB  CG   sing N N 179 
LEU CB  HB2  sing N N 180 
LEU CB  HB3  sing N N 181 
LEU CG  CD1  sing N N 182 
LEU CG  CD2  sing N N 183 
LEU CG  HG   sing N N 184 
LEU CD1 HD11 sing N N 185 
LEU CD1 HD12 sing N N 186 
LEU CD1 HD13 sing N N 187 
LEU CD2 HD21 sing N N 188 
LEU CD2 HD22 sing N N 189 
LEU CD2 HD23 sing N N 190 
LEU OXT HXT  sing N N 191 
LYS N   CA   sing N N 192 
LYS N   H    sing N N 193 
LYS N   H2   sing N N 194 
LYS CA  C    sing N N 195 
LYS CA  CB   sing N N 196 
LYS CA  HA   sing N N 197 
LYS C   O    doub N N 198 
LYS C   OXT  sing N N 199 
LYS CB  CG   sing N N 200 
LYS CB  HB2  sing N N 201 
LYS CB  HB3  sing N N 202 
LYS CG  CD   sing N N 203 
LYS CG  HG2  sing N N 204 
LYS CG  HG3  sing N N 205 
LYS CD  CE   sing N N 206 
LYS CD  HD2  sing N N 207 
LYS CD  HD3  sing N N 208 
LYS CE  NZ   sing N N 209 
LYS CE  HE2  sing N N 210 
LYS CE  HE3  sing N N 211 
LYS NZ  HZ1  sing N N 212 
LYS NZ  HZ2  sing N N 213 
LYS NZ  HZ3  sing N N 214 
LYS OXT HXT  sing N N 215 
MET N   CA   sing N N 216 
MET N   H    sing N N 217 
MET N   H2   sing N N 218 
MET CA  C    sing N N 219 
MET CA  CB   sing N N 220 
MET CA  HA   sing N N 221 
MET C   O    doub N N 222 
MET C   OXT  sing N N 223 
MET CB  CG   sing N N 224 
MET CB  HB2  sing N N 225 
MET CB  HB3  sing N N 226 
MET CG  SD   sing N N 227 
MET CG  HG2  sing N N 228 
MET CG  HG3  sing N N 229 
MET SD  CE   sing N N 230 
MET CE  HE1  sing N N 231 
MET CE  HE2  sing N N 232 
MET CE  HE3  sing N N 233 
MET OXT HXT  sing N N 234 
PHE N   CA   sing N N 235 
PHE N   H    sing N N 236 
PHE N   H2   sing N N 237 
PHE CA  C    sing N N 238 
PHE CA  CB   sing N N 239 
PHE CA  HA   sing N N 240 
PHE C   O    doub N N 241 
PHE C   OXT  sing N N 242 
PHE CB  CG   sing N N 243 
PHE CB  HB2  sing N N 244 
PHE CB  HB3  sing N N 245 
PHE CG  CD1  doub Y N 246 
PHE CG  CD2  sing Y N 247 
PHE CD1 CE1  sing Y N 248 
PHE CD1 HD1  sing N N 249 
PHE CD2 CE2  doub Y N 250 
PHE CD2 HD2  sing N N 251 
PHE CE1 CZ   doub Y N 252 
PHE CE1 HE1  sing N N 253 
PHE CE2 CZ   sing Y N 254 
PHE CE2 HE2  sing N N 255 
PHE CZ  HZ   sing N N 256 
PHE OXT HXT  sing N N 257 
PRO N   CA   sing N N 258 
PRO N   CD   sing N N 259 
PRO N   H    sing N N 260 
PRO CA  C    sing N N 261 
PRO CA  CB   sing N N 262 
PRO CA  HA   sing N N 263 
PRO C   O    doub N N 264 
PRO C   OXT  sing N N 265 
PRO CB  CG   sing N N 266 
PRO CB  HB2  sing N N 267 
PRO CB  HB3  sing N N 268 
PRO CG  CD   sing N N 269 
PRO CG  HG2  sing N N 270 
PRO CG  HG3  sing N N 271 
PRO CD  HD2  sing N N 272 
PRO CD  HD3  sing N N 273 
PRO OXT HXT  sing N N 274 
SER N   CA   sing N N 275 
SER N   H    sing N N 276 
SER N   H2   sing N N 277 
SER CA  C    sing N N 278 
SER CA  CB   sing N N 279 
SER CA  HA   sing N N 280 
SER C   O    doub N N 281 
SER C   OXT  sing N N 282 
SER CB  OG   sing N N 283 
SER CB  HB2  sing N N 284 
SER CB  HB3  sing N N 285 
SER OG  HG   sing N N 286 
SER OXT HXT  sing N N 287 
THR N   CA   sing N N 288 
THR N   H    sing N N 289 
THR N   H2   sing N N 290 
THR CA  C    sing N N 291 
THR CA  CB   sing N N 292 
THR CA  HA   sing N N 293 
THR C   O    doub N N 294 
THR C   OXT  sing N N 295 
THR CB  OG1  sing N N 296 
THR CB  CG2  sing N N 297 
THR CB  HB   sing N N 298 
THR OG1 HG1  sing N N 299 
THR CG2 HG21 sing N N 300 
THR CG2 HG22 sing N N 301 
THR CG2 HG23 sing N N 302 
THR OXT HXT  sing N N 303 
TYR N   CA   sing N N 304 
TYR N   H    sing N N 305 
TYR N   H2   sing N N 306 
TYR CA  C    sing N N 307 
TYR CA  CB   sing N N 308 
TYR CA  HA   sing N N 309 
TYR C   O    doub N N 310 
TYR C   OXT  sing N N 311 
TYR CB  CG   sing N N 312 
TYR CB  HB2  sing N N 313 
TYR CB  HB3  sing N N 314 
TYR CG  CD1  doub Y N 315 
TYR CG  CD2  sing Y N 316 
TYR CD1 CE1  sing Y N 317 
TYR CD1 HD1  sing N N 318 
TYR CD2 CE2  doub Y N 319 
TYR CD2 HD2  sing N N 320 
TYR CE1 CZ   doub Y N 321 
TYR CE1 HE1  sing N N 322 
TYR CE2 CZ   sing Y N 323 
TYR CE2 HE2  sing N N 324 
TYR CZ  OH   sing N N 325 
TYR OH  HH   sing N N 326 
TYR OXT HXT  sing N N 327 
VAL N   CA   sing N N 328 
VAL N   H    sing N N 329 
VAL N   H2   sing N N 330 
VAL CA  C    sing N N 331 
VAL CA  CB   sing N N 332 
VAL CA  HA   sing N N 333 
VAL C   O    doub N N 334 
VAL C   OXT  sing N N 335 
VAL CB  CG1  sing N N 336 
VAL CB  CG2  sing N N 337 
VAL CB  HB   sing N N 338 
VAL CG1 HG11 sing N N 339 
VAL CG1 HG12 sing N N 340 
VAL CG1 HG13 sing N N 341 
VAL CG2 HG21 sing N N 342 
VAL CG2 HG22 sing N N 343 
VAL CG2 HG23 sing N N 344 
VAL OXT HXT  sing N N 345 
# 
_pdbx_nmr_spectrometer.spectrometer_id   1 
_pdbx_nmr_spectrometer.type              ? 
_pdbx_nmr_spectrometer.manufacturer      Bruker 
_pdbx_nmr_spectrometer.model             DRX 
_pdbx_nmr_spectrometer.field_strength    600 
# 
_atom_sites.entry_id                    1XI7 
_atom_sites.fract_transf_matrix[1][1]   1.000000 
_atom_sites.fract_transf_matrix[1][2]   0.000000 
_atom_sites.fract_transf_matrix[1][3]   0.000000 
_atom_sites.fract_transf_matrix[2][1]   0.000000 
_atom_sites.fract_transf_matrix[2][2]   1.000000 
_atom_sites.fract_transf_matrix[2][3]   0.000000 
_atom_sites.fract_transf_matrix[3][1]   0.000000 
_atom_sites.fract_transf_matrix[3][2]   0.000000 
_atom_sites.fract_transf_matrix[3][3]   1.000000 
_atom_sites.fract_transf_vector[1]      0.00000 
_atom_sites.fract_transf_vector[2]      0.00000 
_atom_sites.fract_transf_vector[3]      0.00000 
# 
loop_
_atom_type.symbol 
C 
H 
N 
O 
S 
# 
loop_
_atom_site.group_PDB 
_atom_site.id 
_atom_site.type_symbol 
_atom_site.label_atom_id 
_atom_site.label_alt_id 
_atom_site.label_comp_id 
_atom_site.label_asym_id 
_atom_site.label_entity_id 
_atom_site.label_seq_id 
_atom_site.pdbx_PDB_ins_code 
_atom_site.Cartn_x 
_atom_site.Cartn_y 
_atom_site.Cartn_z 
_atom_site.occupancy 
_atom_site.B_iso_or_equiv 
_atom_site.pdbx_formal_charge 
_atom_site.auth_seq_id 
_atom_site.auth_comp_id 
_atom_site.auth_asym_id 
_atom_site.auth_atom_id 
_atom_site.pdbx_PDB_model_num 
ATOM 1   N N    . THR A 1 6  ? 12.823  3.252   -1.314  1.00 1.97 ? 6  THR A N    1 
ATOM 2   C CA   . THR A 1 6  ? 12.395  1.993   -1.978  1.00 1.52 ? 6  THR A CA   1 
ATOM 3   C C    . THR A 1 6  ? 10.958  1.636   -1.609  1.00 1.53 ? 6  THR A C    1 
ATOM 4   O O    . THR A 1 6  ? 10.054  1.725   -2.438  1.00 2.28 ? 6  THR A O    1 
ATOM 5   C CB   . THR A 1 6  ? 13.344  0.871   -1.553  1.00 2.12 ? 6  THR A CB   1 
ATOM 6   O OG1  . THR A 1 6  ? 13.857  1.113   -0.256  1.00 2.79 ? 6  THR A OG1  1 
ATOM 7   C CG2  . THR A 1 6  ? 14.522  0.697   -2.488  1.00 2.72 ? 6  THR A CG2  1 
ATOM 8   H H    . THR A 1 6  ? 12.138  3.992   -1.567  1.00 2.26 ? 6  THR A H    1 
ATOM 9   H HA   . THR A 1 6  ? 12.460  2.128   -3.047  1.00 1.82 ? 6  THR A HA   1 
ATOM 10  H HB   . THR A 1 6  ? 12.797  -0.061  -1.534  1.00 2.62 ? 6  THR A HB   1 
ATOM 11  H HG1  . THR A 1 6  ? 14.444  1.872   -0.279  1.00 3.15 ? 6  THR A HG1  1 
ATOM 12  H HG21 . THR A 1 6  ? 14.231  0.975   -3.491  1.00 3.23 ? 6  THR A HG21 1 
ATOM 13  H HG22 . THR A 1 6  ? 14.840  -0.334  -2.478  1.00 3.03 ? 6  THR A HG22 1 
ATOM 14  H HG23 . THR A 1 6  ? 15.335  1.329   -2.162  1.00 3.02 ? 6  THR A HG23 1 
ATOM 15  N N    . CYS A 1 7  ? 10.757  1.232   -0.359  1.00 1.11 ? 7  CYS A N    1 
ATOM 16  C CA   . CYS A 1 7  ? 9.430   0.864   0.120   1.00 1.10 ? 7  CYS A CA   1 
ATOM 17  C C    . CYS A 1 7  ? 8.516   2.078   0.181   1.00 1.05 ? 7  CYS A C    1 
ATOM 18  O O    . CYS A 1 7  ? 8.878   3.121   0.725   1.00 1.08 ? 7  CYS A O    1 
ATOM 19  C CB   . CYS A 1 7  ? 9.522   0.204   1.498   1.00 1.22 ? 7  CYS A CB   1 
ATOM 20  S SG   . CYS A 1 7  ? 9.597   -1.615  1.447   1.00 1.35 ? 7  CYS A SG   1 
ATOM 21  H H    . CYS A 1 7  ? 11.518  1.182   0.257   1.00 1.32 ? 7  CYS A H    1 
ATOM 22  H HA   . CYS A 1 7  ? 9.006   0.157   -0.580  1.00 1.14 ? 7  CYS A HA   1 
ATOM 23  H HB2  . CYS A 1 7  ? 10.413  0.556   1.997   1.00 1.58 ? 7  CYS A HB2  1 
ATOM 24  H HB3  . CYS A 1 7  ? 8.656   0.483   2.081   1.00 1.34 ? 7  CYS A HB3  1 
ATOM 25  N N    . ILE A 1 8  ? 7.334   1.928   -0.394  1.00 1.05 ? 8  ILE A N    1 
ATOM 26  C CA   . ILE A 1 8  ? 6.351   2.991   -0.431  1.00 1.05 ? 8  ILE A CA   1 
ATOM 27  C C    . ILE A 1 8  ? 5.608   3.105   0.900   1.00 1.03 ? 8  ILE A C    1 
ATOM 28  O O    . ILE A 1 8  ? 5.694   2.218   1.748   1.00 1.06 ? 8  ILE A O    1 
ATOM 29  C CB   . ILE A 1 8  ? 5.357   2.742   -1.589  1.00 1.13 ? 8  ILE A CB   1 
ATOM 30  C CG1  . ILE A 1 8  ? 5.327   3.943   -2.531  1.00 1.25 ? 8  ILE A CG1  1 
ATOM 31  C CG2  . ILE A 1 8  ? 3.961   2.420   -1.072  1.00 1.12 ? 8  ILE A CG2  1 
ATOM 32  C CD1  . ILE A 1 8  ? 5.665   3.586   -3.962  1.00 1.41 ? 8  ILE A CD1  1 
ATOM 33  H H    . ILE A 1 8  ? 7.117   1.074   -0.816  1.00 1.09 ? 8  ILE A H    1 
ATOM 34  H HA   . ILE A 1 8  ? 6.872   3.918   -0.623  1.00 1.10 ? 8  ILE A HA   1 
ATOM 35  H HB   . ILE A 1 8  ? 5.704   1.882   -2.141  1.00 1.17 ? 8  ILE A HB   1 
ATOM 36  H HG12 . ILE A 1 8  ? 4.342   4.380   -2.521  1.00 1.27 ? 8  ILE A HG12 1 
ATOM 37  H HG13 . ILE A 1 8  ? 6.047   4.672   -2.193  1.00 1.26 ? 8  ILE A HG13 1 
ATOM 38  H HG21 . ILE A 1 8  ? 3.537   3.296   -0.606  1.00 1.44 ? 8  ILE A HG21 1 
ATOM 39  H HG22 . ILE A 1 8  ? 4.027   1.621   -0.348  1.00 1.63 ? 8  ILE A HG22 1 
ATOM 40  H HG23 . ILE A 1 8  ? 3.335   2.110   -1.895  1.00 1.47 ? 8  ILE A HG23 1 
ATOM 41  H HD11 . ILE A 1 8  ? 6.111   4.440   -4.450  1.00 1.65 ? 8  ILE A HD11 1 
ATOM 42  H HD12 . ILE A 1 8  ? 4.764   3.303   -4.485  1.00 1.75 ? 8  ILE A HD12 1 
ATOM 43  H HD13 . ILE A 1 8  ? 6.363   2.761   -3.970  1.00 1.88 ? 8  ILE A HD13 1 
ATOM 44  N N    . GLY A 1 9  ? 4.880   4.204   1.072   1.00 1.06 ? 9  GLY A N    1 
ATOM 45  C CA   . GLY A 1 9  ? 4.133   4.415   2.298   1.00 1.11 ? 9  GLY A CA   1 
ATOM 46  C C    . GLY A 1 9  ? 2.643   4.202   2.114   1.00 1.02 ? 9  GLY A C    1 
ATOM 47  O O    . GLY A 1 9  ? 2.107   3.162   2.496   1.00 1.08 ? 9  GLY A O    1 
ATOM 48  H H    . GLY A 1 9  ? 4.849   4.878   0.360   1.00 1.10 ? 9  GLY A H    1 
ATOM 49  H HA2  . GLY A 1 9  ? 4.494   3.728   3.049   1.00 1.14 ? 9  GLY A HA2  1 
ATOM 50  H HA3  . GLY A 1 9  ? 4.302   5.426   2.640   1.00 1.23 ? 9  GLY A HA3  1 
ATOM 51  N N    . HIS A 1 10 ? 1.973   5.189   1.527   1.00 0.98 ? 10 HIS A N    1 
ATOM 52  C CA   . HIS A 1 10 ? 0.536   5.103   1.294   1.00 0.92 ? 10 HIS A CA   1 
ATOM 53  C C    . HIS A 1 10 ? 0.074   6.197   0.337   1.00 0.93 ? 10 HIS A C    1 
ATOM 54  O O    . HIS A 1 10 ? 0.450   7.360   0.479   1.00 1.07 ? 10 HIS A O    1 
ATOM 55  C CB   . HIS A 1 10 ? -0.224  5.212   2.617   1.00 1.00 ? 10 HIS A CB   1 
ATOM 56  C CG   . HIS A 1 10 ? -0.029  6.521   3.314   1.00 1.13 ? 10 HIS A CG   1 
ATOM 57  N ND1  . HIS A 1 10 ? 1.153   6.877   3.931   1.00 1.35 ? 10 HIS A ND1  1 
ATOM 58  C CD2  . HIS A 1 10 ? -0.871  7.567   3.491   1.00 1.32 ? 10 HIS A CD2  1 
ATOM 59  C CE1  . HIS A 1 10 ? 1.027   8.082   4.458   1.00 1.42 ? 10 HIS A CE1  1 
ATOM 60  N NE2  . HIS A 1 10 ? -0.191  8.523   4.204   1.00 1.38 ? 10 HIS A NE2  1 
ATOM 61  H H    . HIS A 1 10 ? 2.456   5.992   1.244   1.00 1.04 ? 10 HIS A H    1 
ATOM 62  H HA   . HIS A 1 10 ? 0.330   4.142   0.849   1.00 0.87 ? 10 HIS A HA   1 
ATOM 63  H HB2  . HIS A 1 10 ? -1.281  5.091   2.428   1.00 0.99 ? 10 HIS A HB2  1 
ATOM 64  H HB3  . HIS A 1 10 ? 0.109   4.427   3.280   1.00 1.02 ? 10 HIS A HB3  1 
ATOM 65  H HD1  . HIS A 1 10 ? 1.962   6.327   3.978   1.00 1.58 ? 10 HIS A HD1  1 
ATOM 66  H HD2  . HIS A 1 10 ? -1.890  7.636   3.137   1.00 1.59 ? 10 HIS A HD2  1 
ATOM 67  H HE1  . HIS A 1 10 ? 1.792   8.616   5.002   1.00 1.66 ? 10 HIS A HE1  1 
ATOM 68  H HE2  . HIS A 1 10 ? -0.519  9.423   4.407   1.00 1.54 ? 10 HIS A HE2  1 
ATOM 69  N N    . TYR A 1 11 ? -0.743  5.815   -0.641  1.00 0.81 ? 11 TYR A N    1 
ATOM 70  C CA   . TYR A 1 11 ? -1.256  6.762   -1.623  1.00 0.86 ? 11 TYR A CA   1 
ATOM 71  C C    . TYR A 1 11 ? -0.115  7.392   -2.413  1.00 0.94 ? 11 TYR A C    1 
ATOM 72  O O    . TYR A 1 11 ? 0.081   8.607   -2.384  1.00 1.15 ? 11 TYR A O    1 
ATOM 73  C CB   . TYR A 1 11 ? -2.082  7.849   -0.933  1.00 1.03 ? 11 TYR A CB   1 
ATOM 74  C CG   . TYR A 1 11 ? -3.380  7.342   -0.348  1.00 1.02 ? 11 TYR A CG   1 
ATOM 75  C CD1  . TYR A 1 11 ? -3.407  6.712   0.890   1.00 1.63 ? 11 TYR A CD1  1 
ATOM 76  C CD2  . TYR A 1 11 ? -4.580  7.492   -1.032  1.00 1.53 ? 11 TYR A CD2  1 
ATOM 77  C CE1  . TYR A 1 11 ? -4.591  6.246   1.429   1.00 1.67 ? 11 TYR A CE1  1 
ATOM 78  C CE2  . TYR A 1 11 ? -5.769  7.030   -0.500  1.00 1.58 ? 11 TYR A CE2  1 
ATOM 79  C CZ   . TYR A 1 11 ? -5.769  6.408   0.731   1.00 1.14 ? 11 TYR A CZ   1 
ATOM 80  O OH   . TYR A 1 11 ? -6.949  5.946   1.264   1.00 1.26 ? 11 TYR A OH   1 
ATOM 81  H H    . TYR A 1 11 ? -1.006  4.873   -0.703  1.00 0.73 ? 11 TYR A H    1 
ATOM 82  H HA   . TYR A 1 11 ? -1.892  6.218   -2.306  1.00 0.76 ? 11 TYR A HA   1 
ATOM 83  H HB2  . TYR A 1 11 ? -1.501  8.278   -0.130  1.00 1.14 ? 11 TYR A HB2  1 
ATOM 84  H HB3  . TYR A 1 11 ? -2.319  8.620   -1.651  1.00 1.11 ? 11 TYR A HB3  1 
ATOM 85  H HD1  . TYR A 1 11 ? -2.482  6.587   1.436   1.00 2.42 ? 11 TYR A HD1  1 
ATOM 86  H HD2  . TYR A 1 11 ? -4.576  7.981   -1.996  1.00 2.30 ? 11 TYR A HD2  1 
ATOM 87  H HE1  . TYR A 1 11 ? -4.590  5.758   2.392   1.00 2.46 ? 11 TYR A HE1  1 
ATOM 88  H HE2  . TYR A 1 11 ? -6.690  7.157   -1.048  1.00 2.37 ? 11 TYR A HE2  1 
ATOM 89  H HH   . TYR A 1 11 ? -7.464  5.514   0.578   1.00 1.63 ? 11 TYR A HH   1 
ATOM 90  N N    . GLN A 1 12 ? 0.639   6.556   -3.120  1.00 0.84 ? 12 GLN A N    1 
ATOM 91  C CA   . GLN A 1 12 ? 1.763   7.030   -3.919  1.00 0.97 ? 12 GLN A CA   1 
ATOM 92  C C    . GLN A 1 12 ? 1.473   6.884   -5.409  1.00 0.78 ? 12 GLN A C    1 
ATOM 93  O O    . GLN A 1 12 ? 0.588   6.127   -5.806  1.00 0.68 ? 12 GLN A O    1 
ATOM 94  C CB   . GLN A 1 12 ? 3.033   6.258   -3.556  1.00 1.14 ? 12 GLN A CB   1 
ATOM 95  C CG   . GLN A 1 12 ? 3.860   6.926   -2.469  1.00 1.79 ? 12 GLN A CG   1 
ATOM 96  C CD   . GLN A 1 12 ? 4.255   8.347   -2.825  1.00 2.51 ? 12 GLN A CD   1 
ATOM 97  O OE1  . GLN A 1 12 ? 3.710   9.309   -2.284  1.00 3.14 ? 12 GLN A OE1  1 
ATOM 98  N NE2  . GLN A 1 12 ? 5.207   8.484   -3.741  1.00 3.10 ? 12 GLN A NE2  1 
ATOM 99  H H    . GLN A 1 12 ? 0.433   5.596   -3.103  1.00 0.73 ? 12 GLN A H    1 
ATOM 100 H HA   . GLN A 1 12 ? 1.911   8.076   -3.695  1.00 1.19 ? 12 GLN A HA   1 
ATOM 101 H HB2  . GLN A 1 12 ? 2.755   5.274   -3.213  1.00 1.12 ? 12 GLN A HB2  1 
ATOM 102 H HB3  . GLN A 1 12 ? 3.649   6.164   -4.439  1.00 1.34 ? 12 GLN A HB3  1 
ATOM 103 H HG2  . GLN A 1 12 ? 3.281   6.948   -1.557  1.00 2.24 ? 12 GLN A HG2  1 
ATOM 104 H HG3  . GLN A 1 12 ? 4.758   6.348   -2.311  1.00 2.14 ? 12 GLN A HG3  1 
ATOM 105 H HE21 . GLN A 1 12 ? 5.595   7.673   -4.130  1.00 3.16 ? 12 GLN A HE21 1 
ATOM 106 H HE22 . GLN A 1 12 ? 5.481   9.391   -3.990  1.00 3.78 ? 12 GLN A HE22 1 
ATOM 107 N N    . LYS A 1 13 ? 2.224   7.611   -6.229  1.00 0.81 ? 13 LYS A N    1 
ATOM 108 C CA   . LYS A 1 13 ? 2.043   7.560   -7.676  1.00 0.73 ? 13 LYS A CA   1 
ATOM 109 C C    . LYS A 1 13 ? 2.716   6.324   -8.265  1.00 0.69 ? 13 LYS A C    1 
ATOM 110 O O    . LYS A 1 13 ? 3.906   6.090   -8.049  1.00 0.88 ? 13 LYS A O    1 
ATOM 111 C CB   . LYS A 1 13 ? 2.610   8.823   -8.327  1.00 0.92 ? 13 LYS A CB   1 
ATOM 112 C CG   . LYS A 1 13 ? 1.577   9.919   -8.527  1.00 1.24 ? 13 LYS A CG   1 
ATOM 113 C CD   . LYS A 1 13 ? 2.231   11.285  -8.657  1.00 1.72 ? 13 LYS A CD   1 
ATOM 114 C CE   . LYS A 1 13 ? 1.228   12.406  -8.440  1.00 2.23 ? 13 LYS A CE   1 
ATOM 115 N NZ   . LYS A 1 13 ? 1.468   13.551  -9.360  1.00 2.77 ? 13 LYS A NZ   1 
ATOM 116 H H    . LYS A 1 13 ? 2.914   8.196   -5.854  1.00 0.95 ? 13 LYS A H    1 
ATOM 117 H HA   . LYS A 1 13 ? 0.984   7.507   -7.875  1.00 0.71 ? 13 LYS A HA   1 
ATOM 118 H HB2  . LYS A 1 13 ? 3.400   9.213   -7.701  1.00 1.13 ? 13 LYS A HB2  1 
ATOM 119 H HB3  . LYS A 1 13 ? 3.021   8.565   -9.290  1.00 1.31 ? 13 LYS A HB3  1 
ATOM 120 H HG2  . LYS A 1 13 ? 1.017   9.712   -9.427  1.00 1.85 ? 13 LYS A HG2  1 
ATOM 121 H HG3  . LYS A 1 13 ? 0.907   9.929   -7.679  1.00 1.63 ? 13 LYS A HG3  1 
ATOM 122 H HD2  . LYS A 1 13 ? 3.015   11.369  -7.919  1.00 1.97 ? 13 LYS A HD2  1 
ATOM 123 H HD3  . LYS A 1 13 ? 2.653   11.378  -9.646  1.00 2.38 ? 13 LYS A HD3  1 
ATOM 124 H HE2  . LYS A 1 13 ? 0.234   12.021  -8.611  1.00 2.68 ? 13 LYS A HE2  1 
ATOM 125 H HE3  . LYS A 1 13 ? 1.308   12.751  -7.419  1.00 2.52 ? 13 LYS A HE3  1 
ATOM 126 H HZ1  . LYS A 1 13 ? 2.038   14.279  -8.884  1.00 3.15 ? 13 LYS A HZ1  1 
ATOM 127 H HZ2  . LYS A 1 13 ? 0.563   13.971  -9.652  1.00 3.08 ? 13 LYS A HZ2  1 
ATOM 128 H HZ3  . LYS A 1 13 ? 1.976   13.228  -10.209 1.00 3.13 ? 13 LYS A HZ3  1 
ATOM 129 N N    . CYS A 1 14 ? 1.947   5.537   -9.009  1.00 0.63 ? 14 CYS A N    1 
ATOM 130 C CA   . CYS A 1 14 ? 2.465   4.325   -9.630  1.00 0.78 ? 14 CYS A CA   1 
ATOM 131 C C    . CYS A 1 14 ? 2.611   4.504   -11.138 1.00 0.93 ? 14 CYS A C    1 
ATOM 132 O O    . CYS A 1 14 ? 3.481   3.899   -11.764 1.00 1.28 ? 14 CYS A O    1 
ATOM 133 C CB   . CYS A 1 14 ? 1.542   3.141   -9.333  1.00 1.02 ? 14 CYS A CB   1 
ATOM 134 S SG   . CYS A 1 14 ? 2.398   1.536   -9.233  1.00 1.07 ? 14 CYS A SG   1 
ATOM 135 H H    . CYS A 1 14 ? 1.006   5.778   -9.144  1.00 0.62 ? 14 CYS A H    1 
ATOM 136 H HA   . CYS A 1 14 ? 3.438   4.125   -9.208  1.00 0.93 ? 14 CYS A HA   1 
ATOM 137 H HB2  . CYS A 1 14 ? 1.048   3.308   -8.388  1.00 1.64 ? 14 CYS A HB2  1 
ATOM 138 H HB3  . CYS A 1 14 ? 0.798   3.070   -10.114 1.00 1.72 ? 14 CYS A HB3  1 
ATOM 139 N N    . VAL A 1 15 ? 1.753   5.339   -11.716 1.00 0.99 ? 15 VAL A N    1 
ATOM 140 C CA   . VAL A 1 15 ? 1.787   5.598   -13.151 1.00 1.28 ? 15 VAL A CA   1 
ATOM 141 C C    . VAL A 1 15 ? 3.140   6.156   -13.579 1.00 1.40 ? 15 VAL A C    1 
ATOM 142 O O    . VAL A 1 15 ? 3.848   5.547   -14.380 1.00 2.04 ? 15 VAL A O    1 
ATOM 143 C CB   . VAL A 1 15 ? 0.681   6.586   -13.570 1.00 1.49 ? 15 VAL A CB   1 
ATOM 144 C CG1  . VAL A 1 15 ? 0.616   6.705   -15.085 1.00 2.04 ? 15 VAL A CG1  1 
ATOM 145 C CG2  . VAL A 1 15 ? -0.666  6.157   -13.003 1.00 1.77 ? 15 VAL A CG2  1 
ATOM 146 H H    . VAL A 1 15 ? 1.081   5.792   -11.164 1.00 1.07 ? 15 VAL A H    1 
ATOM 147 H HA   . VAL A 1 15 ? 1.616   4.662   -13.662 1.00 1.48 ? 15 VAL A HA   1 
ATOM 148 H HB   . VAL A 1 15 ? 0.923   7.558   -13.166 1.00 1.70 ? 15 VAL A HB   1 
ATOM 149 H HG11 . VAL A 1 15 ? 0.655   5.719   -15.525 1.00 2.45 ? 15 VAL A HG11 1 
ATOM 150 H HG12 . VAL A 1 15 ? 1.453   7.289   -15.437 1.00 2.39 ? 15 VAL A HG12 1 
ATOM 151 H HG13 . VAL A 1 15 ? -0.305  7.190   -15.369 1.00 2.46 ? 15 VAL A HG13 1 
ATOM 152 H HG21 . VAL A 1 15 ? -1.295  5.794   -13.802 1.00 2.00 ? 15 VAL A HG21 1 
ATOM 153 H HG22 . VAL A 1 15 ? -1.142  7.002   -12.527 1.00 2.18 ? 15 VAL A HG22 1 
ATOM 154 H HG23 . VAL A 1 15 ? -0.518  5.372   -12.276 1.00 2.24 ? 15 VAL A HG23 1 
ATOM 155 N N    . ASN A 1 16 ? 3.492   7.319   -13.039 1.00 1.52 ? 16 ASN A N    1 
ATOM 156 C CA   . ASN A 1 16 ? 4.761   7.959   -13.367 1.00 1.81 ? 16 ASN A CA   1 
ATOM 157 C C    . ASN A 1 16 ? 5.820   7.640   -12.315 1.00 1.74 ? 16 ASN A C    1 
ATOM 158 O O    . ASN A 1 16 ? 6.604   8.506   -11.928 1.00 2.12 ? 16 ASN A O    1 
ATOM 159 C CB   . ASN A 1 16 ? 4.577   9.473   -13.483 1.00 2.17 ? 16 ASN A CB   1 
ATOM 160 C CG   . ASN A 1 16 ? 5.323   10.058  -14.666 1.00 2.70 ? 16 ASN A CG   1 
ATOM 161 O OD1  . ASN A 1 16 ? 6.429   9.626   -14.993 1.00 3.27 ? 16 ASN A OD1  1 
ATOM 162 N ND2  . ASN A 1 16 ? 4.721   11.047  -15.317 1.00 3.13 ? 16 ASN A ND2  1 
ATOM 163 H H    . ASN A 1 16 ? 2.885   7.757   -12.408 1.00 1.87 ? 16 ASN A H    1 
ATOM 164 H HA   . ASN A 1 16 ? 5.090   7.572   -14.320 1.00 2.03 ? 16 ASN A HA   1 
ATOM 165 H HB2  . ASN A 1 16 ? 3.526   9.695   -13.601 1.00 2.25 ? 16 ASN A HB2  1 
ATOM 166 H HB3  . ASN A 1 16 ? 4.941   9.946   -12.582 1.00 2.52 ? 16 ASN A HB3  1 
ATOM 167 H HD21 . ASN A 1 16 ? 3.840   11.340  -15.001 1.00 3.24 ? 16 ASN A HD21 1 
ATOM 168 H HD22 . ASN A 1 16 ? 5.180   11.443  -16.086 1.00 3.65 ? 16 ASN A HD22 1 
ATOM 169 N N    . ALA A 1 17 ? 5.835   6.392   -11.858 1.00 1.53 ? 17 ALA A N    1 
ATOM 170 C CA   . ALA A 1 17 ? 6.798   5.960   -10.852 1.00 1.54 ? 17 ALA A CA   1 
ATOM 171 C C    . ALA A 1 17 ? 6.679   4.464   -10.586 1.00 1.40 ? 17 ALA A C    1 
ATOM 172 O O    . ALA A 1 17 ? 5.652   3.989   -10.099 1.00 1.62 ? 17 ALA A O    1 
ATOM 173 C CB   . ALA A 1 17 ? 6.602   6.744   -9.563  1.00 1.74 ? 17 ALA A CB   1 
ATOM 174 H H    . ALA A 1 17 ? 5.185   5.747   -12.206 1.00 1.61 ? 17 ALA A H    1 
ATOM 175 H HA   . ALA A 1 17 ? 7.789   6.171   -11.227 1.00 1.78 ? 17 ALA A HA   1 
ATOM 176 H HB1  . ALA A 1 17 ? 5.997   6.167   -8.880  1.00 2.11 ? 17 ALA A HB1  1 
ATOM 177 H HB2  . ALA A 1 17 ? 6.106   7.678   -9.782  1.00 1.96 ? 17 ALA A HB2  1 
ATOM 178 H HB3  . ALA A 1 17 ? 7.564   6.944   -9.114  1.00 2.17 ? 17 ALA A HB3  1 
ATOM 179 N N    . ASP A 1 18 ? 7.735   3.724   -10.909 1.00 1.45 ? 18 ASP A N    1 
ATOM 180 C CA   . ASP A 1 18 ? 7.749   2.280   -10.703 1.00 1.53 ? 18 ASP A CA   1 
ATOM 181 C C    . ASP A 1 18 ? 8.479   1.922   -9.414  1.00 1.46 ? 18 ASP A C    1 
ATOM 182 O O    . ASP A 1 18 ? 9.661   1.578   -9.432  1.00 2.09 ? 18 ASP A O    1 
ATOM 183 C CB   . ASP A 1 18 ? 8.414   1.582   -11.891 1.00 2.14 ? 18 ASP A CB   1 
ATOM 184 C CG   . ASP A 1 18 ? 7.767   0.250   -12.216 1.00 2.53 ? 18 ASP A CG   1 
ATOM 185 O OD1  . ASP A 1 18 ? 6.535   0.222   -12.415 1.00 3.06 ? 18 ASP A OD1  1 
ATOM 186 O OD2  . ASP A 1 18 ? 8.492   -0.765  -12.270 1.00 2.92 ? 18 ASP A OD2  1 
ATOM 187 H H    . ASP A 1 18 ? 8.524   4.160   -11.293 1.00 1.70 ? 18 ASP A H    1 
ATOM 188 H HA   . ASP A 1 18 ? 6.725   1.946   -10.629 1.00 1.60 ? 18 ASP A HA   1 
ATOM 189 H HB2  . ASP A 1 18 ? 8.342   2.217   -12.762 1.00 2.45 ? 18 ASP A HB2  1 
ATOM 190 H HB3  . ASP A 1 18 ? 9.456   1.410   -11.663 1.00 2.45 ? 18 ASP A HB3  1 
ATOM 191 N N    . LYS A 1 19 ? 7.767   2.003   -8.294  1.00 1.27 ? 19 LYS A N    1 
ATOM 192 C CA   . LYS A 1 19 ? 8.346   1.687   -6.994  1.00 1.53 ? 19 LYS A CA   1 
ATOM 193 C C    . LYS A 1 19 ? 7.562   0.574   -6.303  1.00 1.06 ? 19 LYS A C    1 
ATOM 194 O O    . LYS A 1 19 ? 6.348   0.460   -6.476  1.00 1.16 ? 19 LYS A O    1 
ATOM 195 C CB   . LYS A 1 19 ? 8.374   2.934   -6.108  1.00 2.32 ? 19 LYS A CB   1 
ATOM 196 C CG   . LYS A 1 19 ? 9.605   3.800   -6.315  1.00 3.08 ? 19 LYS A CG   1 
ATOM 197 C CD   . LYS A 1 19 ? 9.415   5.188   -5.725  1.00 3.85 ? 19 LYS A CD   1 
ATOM 198 C CE   . LYS A 1 19 ? 10.040  6.258   -6.604  1.00 4.51 ? 19 LYS A CE   1 
ATOM 199 N NZ   . LYS A 1 19 ? 9.622   7.628   -6.196  1.00 5.31 ? 19 LYS A NZ   1 
ATOM 200 H H    . LYS A 1 19 ? 6.829   2.284   -8.344  1.00 1.47 ? 19 LYS A H    1 
ATOM 201 H HA   . LYS A 1 19 ? 9.359   1.350   -7.157  1.00 1.87 ? 19 LYS A HA   1 
ATOM 202 H HB2  . LYS A 1 19 ? 7.499   3.531   -6.321  1.00 2.50 ? 19 LYS A HB2  1 
ATOM 203 H HB3  . LYS A 1 19 ? 8.346   2.626   -5.073  1.00 2.62 ? 19 LYS A HB3  1 
ATOM 204 H HG2  . LYS A 1 19 ? 10.450  3.329   -5.837  1.00 3.45 ? 19 LYS A HG2  1 
ATOM 205 H HG3  . LYS A 1 19 ? 9.794   3.893   -7.375  1.00 3.18 ? 19 LYS A HG3  1 
ATOM 206 H HD2  . LYS A 1 19 ? 8.359   5.388   -5.629  1.00 4.07 ? 19 LYS A HD2  1 
ATOM 207 H HD3  . LYS A 1 19 ? 9.879   5.220   -4.749  1.00 4.18 ? 19 LYS A HD3  1 
ATOM 208 H HE2  . LYS A 1 19 ? 11.115  6.184   -6.531  1.00 4.84 ? 19 LYS A HE2  1 
ATOM 209 H HE3  . LYS A 1 19 ? 9.737   6.088   -7.627  1.00 4.52 ? 19 LYS A HE3  1 
ATOM 210 H HZ1  . LYS A 1 19 ? 10.088  8.338   -6.797  1.00 5.75 ? 19 LYS A HZ1  1 
ATOM 211 H HZ2  . LYS A 1 19 ? 9.885   7.802   -5.206  1.00 5.62 ? 19 LYS A HZ2  1 
ATOM 212 H HZ3  . LYS A 1 19 ? 8.592   7.730   -6.293  1.00 5.47 ? 19 LYS A HZ3  1 
ATOM 213 N N    . PRO A 1 20 ? 8.248   -0.265  -5.509  1.00 0.94 ? 20 PRO A N    1 
ATOM 214 C CA   . PRO A 1 20 ? 7.609   -1.373  -4.792  1.00 0.94 ? 20 PRO A CA   1 
ATOM 215 C C    . PRO A 1 20 ? 6.751   -0.892  -3.627  1.00 0.89 ? 20 PRO A C    1 
ATOM 216 O O    . PRO A 1 20 ? 7.227   -0.176  -2.745  1.00 1.07 ? 20 PRO A O    1 
ATOM 217 C CB   . PRO A 1 20 ? 8.795   -2.192  -4.279  1.00 1.42 ? 20 PRO A CB   1 
ATOM 218 C CG   . PRO A 1 20 ? 9.903   -1.207  -4.147  1.00 1.72 ? 20 PRO A CG   1 
ATOM 219 C CD   . PRO A 1 20 ? 9.700   -0.201  -5.247  1.00 1.38 ? 20 PRO A CD   1 
ATOM 220 H HA   . PRO A 1 20 ? 7.008   -1.979  -5.454  1.00 1.01 ? 20 PRO A HA   1 
ATOM 221 H HB2  . PRO A 1 20 ? 8.544   -2.636  -3.327  1.00 1.65 ? 20 PRO A HB2  1 
ATOM 222 H HB3  . PRO A 1 20 ? 9.038   -2.965  -4.992  1.00 1.63 ? 20 PRO A HB3  1 
ATOM 223 H HG2  . PRO A 1 20 ? 9.852   -0.723  -3.183  1.00 2.14 ? 20 PRO A HG2  1 
ATOM 224 H HG3  . PRO A 1 20 ? 10.854  -1.705  -4.267  1.00 2.10 ? 20 PRO A HG3  1 
ATOM 225 H HD2  . PRO A 1 20 ? 9.987   0.785   -4.916  1.00 1.72 ? 20 PRO A HD2  1 
ATOM 226 H HD3  . PRO A 1 20 ? 10.261  -0.484  -6.126  1.00 1.39 ? 20 PRO A HD3  1 
ATOM 227 N N    . CYS A 1 21 ? 5.482   -1.290  -3.629  1.00 0.82 ? 21 CYS A N    1 
ATOM 228 C CA   . CYS A 1 21 ? 4.558   -0.899  -2.571  1.00 0.81 ? 21 CYS A CA   1 
ATOM 229 C C    . CYS A 1 21 ? 4.730   -1.789  -1.344  1.00 0.94 ? 21 CYS A C    1 
ATOM 230 O O    . CYS A 1 21 ? 4.219   -2.908  -1.299  1.00 1.08 ? 21 CYS A O    1 
ATOM 231 C CB   . CYS A 1 21 ? 3.114   -0.974  -3.072  1.00 0.77 ? 21 CYS A CB   1 
ATOM 232 S SG   . CYS A 1 21 ? 2.676   0.328   -4.270  1.00 0.90 ? 21 CYS A SG   1 
ATOM 233 H H    . CYS A 1 21 ? 5.161   -1.859  -4.359  1.00 0.91 ? 21 CYS A H    1 
ATOM 234 H HA   . CYS A 1 21 ? 4.781   0.121   -2.295  1.00 0.84 ? 21 CYS A HA   1 
ATOM 235 H HB2  . CYS A 1 21 ? 2.957   -1.927  -3.553  1.00 1.15 ? 21 CYS A HB2  1 
ATOM 236 H HB3  . CYS A 1 21 ? 2.444   -0.886  -2.230  1.00 1.06 ? 21 CYS A HB3  1 
ATOM 237 N N    . CYS A 1 22 ? 5.456   -1.284  -0.352  1.00 1.09 ? 22 CYS A N    1 
ATOM 238 C CA   . CYS A 1 22 ? 5.699   -2.032  0.876   1.00 1.25 ? 22 CYS A CA   1 
ATOM 239 C C    . CYS A 1 22 ? 4.388   -2.366  1.581   1.00 1.05 ? 22 CYS A C    1 
ATOM 240 O O    . CYS A 1 22 ? 3.321   -1.904  1.177   1.00 0.89 ? 22 CYS A O    1 
ATOM 241 C CB   . CYS A 1 22 ? 6.609   -1.232  1.812   1.00 1.57 ? 22 CYS A CB   1 
ATOM 242 S SG   . CYS A 1 22 ? 7.979   -2.199  2.525   1.00 1.70 ? 22 CYS A SG   1 
ATOM 243 H H    . CYS A 1 22 ? 5.839   -0.388  -0.448  1.00 1.19 ? 22 CYS A H    1 
ATOM 244 H HA   . CYS A 1 22 ? 6.195   -2.953  0.610   1.00 1.39 ? 22 CYS A HA   1 
ATOM 245 H HB2  . CYS A 1 22 ? 7.040   -0.408  1.264   1.00 1.88 ? 22 CYS A HB2  1 
ATOM 246 H HB3  . CYS A 1 22 ? 6.019   -0.843  2.630   1.00 2.03 ? 22 CYS A HB3  1 
ATOM 247 N N    . SER A 1 23 ? 4.477   -3.170  2.635   1.00 1.19 ? 23 SER A N    1 
ATOM 248 C CA   . SER A 1 23 ? 3.298   -3.567  3.396   1.00 1.04 ? 23 SER A CA   1 
ATOM 249 C C    . SER A 1 23 ? 3.412   -3.118  4.849   1.00 1.04 ? 23 SER A C    1 
ATOM 250 O O    . SER A 1 23 ? 4.364   -3.474  5.546   1.00 1.24 ? 23 SER A O    1 
ATOM 251 C CB   . SER A 1 23 ? 3.109   -5.083  3.332   1.00 1.05 ? 23 SER A CB   1 
ATOM 252 O OG   . SER A 1 23 ? 2.505   -5.472  2.110   1.00 1.53 ? 23 SER A OG   1 
ATOM 253 H H    . SER A 1 23 ? 5.355   -3.506  2.906   1.00 1.45 ? 23 SER A H    1 
ATOM 254 H HA   . SER A 1 23 ? 2.438   -3.087  2.951   1.00 1.00 ? 23 SER A HA   1 
ATOM 255 H HB2  . SER A 1 23 ? 4.071   -5.567  3.412   1.00 1.47 ? 23 SER A HB2  1 
ATOM 256 H HB3  . SER A 1 23 ? 2.478   -5.400  4.149   1.00 1.48 ? 23 SER A HB3  1 
ATOM 257 H HG   . SER A 1 23 ? 3.001   -6.197  1.723   1.00 2.04 ? 23 SER A HG   1 
ATOM 258 N N    . LYS A 1 24 ? 2.439   -2.335  5.300   1.00 0.99 ? 24 LYS A N    1 
ATOM 259 C CA   . LYS A 1 24 ? 2.431   -1.837  6.671   1.00 1.08 ? 24 LYS A CA   1 
ATOM 260 C C    . LYS A 1 24 ? 1.619   -2.754  7.580   1.00 0.96 ? 24 LYS A C    1 
ATOM 261 O O    . LYS A 1 24 ? 0.396   -2.637  7.664   1.00 1.06 ? 24 LYS A O    1 
ATOM 262 C CB   . LYS A 1 24 ? 1.860   -0.419  6.718   1.00 1.24 ? 24 LYS A CB   1 
ATOM 263 C CG   . LYS A 1 24 ? 2.791   0.631   6.133   1.00 1.49 ? 24 LYS A CG   1 
ATOM 264 C CD   . LYS A 1 24 ? 3.600   1.324   7.217   1.00 1.98 ? 24 LYS A CD   1 
ATOM 265 C CE   . LYS A 1 24 ? 3.784   2.803   6.917   1.00 2.23 ? 24 LYS A CE   1 
ATOM 266 N NZ   . LYS A 1 24 ? 4.861   3.409   7.748   1.00 2.67 ? 24 LYS A NZ   1 
ATOM 267 H H    . LYS A 1 24 ? 1.707   -2.085  4.697   1.00 1.01 ? 24 LYS A H    1 
ATOM 268 H HA   . LYS A 1 24 ? 3.452   -1.815  7.022   1.00 1.22 ? 24 LYS A HA   1 
ATOM 269 H HB2  . LYS A 1 24 ? 0.934   -0.398  6.162   1.00 1.35 ? 24 LYS A HB2  1 
ATOM 270 H HB3  . LYS A 1 24 ? 1.658   -0.158  7.746   1.00 1.54 ? 24 LYS A HB3  1 
ATOM 271 H HG2  . LYS A 1 24 ? 3.469   0.153   5.442   1.00 1.90 ? 24 LYS A HG2  1 
ATOM 272 H HG3  . LYS A 1 24 ? 2.201   1.370   5.609   1.00 1.74 ? 24 LYS A HG3  1 
ATOM 273 H HD2  . LYS A 1 24 ? 3.084   1.220   8.160   1.00 2.40 ? 24 LYS A HD2  1 
ATOM 274 H HD3  . LYS A 1 24 ? 4.571   0.855   7.283   1.00 2.57 ? 24 LYS A HD3  1 
ATOM 275 H HE2  . LYS A 1 24 ? 4.040   2.916   5.874   1.00 2.67 ? 24 LYS A HE2  1 
ATOM 276 H HE3  . LYS A 1 24 ? 2.855   3.316   7.117   1.00 2.52 ? 24 LYS A HE3  1 
ATOM 277 H HZ1  . LYS A 1 24 ? 5.016   4.398   7.466   1.00 2.94 ? 24 LYS A HZ1  1 
ATOM 278 H HZ2  . LYS A 1 24 ? 5.749   2.882   7.623   1.00 3.07 ? 24 LYS A HZ2  1 
ATOM 279 H HZ3  . LYS A 1 24 ? 4.594   3.383   8.753   1.00 3.04 ? 24 LYS A HZ3  1 
ATOM 280 N N    . THR A 1 25 ? 2.307   -3.668  8.257   1.00 1.04 ? 25 THR A N    1 
ATOM 281 C CA   . THR A 1 25 ? 1.650   -4.605  9.160   1.00 1.11 ? 25 THR A CA   1 
ATOM 282 C C    . THR A 1 25 ? 1.630   -4.065  10.586  1.00 1.35 ? 25 THR A C    1 
ATOM 283 O O    . THR A 1 25 ? 2.668   -3.695  11.134  1.00 1.65 ? 25 THR A O    1 
ATOM 284 C CB   . THR A 1 25 ? 2.359   -5.960  9.125   1.00 1.35 ? 25 THR A CB   1 
ATOM 285 O OG1  . THR A 1 25 ? 1.865   -6.810  10.145  1.00 1.63 ? 25 THR A OG1  1 
ATOM 286 C CG2  . THR A 1 25 ? 3.858   -5.856  9.300   1.00 1.87 ? 25 THR A CG2  1 
ATOM 287 H H    . THR A 1 25 ? 3.280   -3.711  8.148   1.00 1.23 ? 25 THR A H    1 
ATOM 288 H HA   . THR A 1 25 ? 0.633   -4.733  8.822   1.00 1.05 ? 25 THR A HA   1 
ATOM 289 H HB   . THR A 1 25 ? 2.169   -6.431  8.171   1.00 1.44 ? 25 THR A HB   1 
ATOM 290 H HG1  . THR A 1 25 ? 2.155   -7.711  9.981   1.00 2.04 ? 25 THR A HG1  1 
ATOM 291 H HG21 . THR A 1 25 ? 4.194   -6.612  9.994   1.00 2.14 ? 25 THR A HG21 1 
ATOM 292 H HG22 . THR A 1 25 ? 4.109   -4.878  9.686   1.00 2.37 ? 25 THR A HG22 1 
ATOM 293 H HG23 . THR A 1 25 ? 4.343   -6.001  8.346   1.00 2.27 ? 25 THR A HG23 1 
ATOM 294 N N    . VAL A 1 26 ? 0.442   -4.022  11.180  1.00 1.47 ? 26 VAL A N    1 
ATOM 295 C CA   . VAL A 1 26 ? 0.287   -3.527  12.543  1.00 1.85 ? 26 VAL A CA   1 
ATOM 296 C C    . VAL A 1 26 ? 0.675   -4.593  13.562  1.00 1.69 ? 26 VAL A C    1 
ATOM 297 O O    . VAL A 1 26 ? 0.679   -5.786  13.257  1.00 1.85 ? 26 VAL A O    1 
ATOM 298 C CB   . VAL A 1 26 ? -1.159  -3.075  12.816  1.00 2.49 ? 26 VAL A CB   1 
ATOM 299 C CG1  . VAL A 1 26 ? -1.257  -2.382  14.166  1.00 2.99 ? 26 VAL A CG1  1 
ATOM 300 C CG2  . VAL A 1 26 ? -1.653  -2.164  11.703  1.00 3.28 ? 26 VAL A CG2  1 
ATOM 301 H H    . VAL A 1 26 ? -0.349  -4.331  10.692  1.00 1.44 ? 26 VAL A H    1 
ATOM 302 H HA   . VAL A 1 26 ? 0.938   -2.674  12.664  1.00 2.31 ? 26 VAL A HA   1 
ATOM 303 H HB   . VAL A 1 26 ? -1.791  -3.952  12.840  1.00 2.77 ? 26 VAL A HB   1 
ATOM 304 H HG11 . VAL A 1 26 ? -0.350  -1.827  14.352  1.00 3.26 ? 26 VAL A HG11 1 
ATOM 305 H HG12 . VAL A 1 26 ? -1.393  -3.121  14.942  1.00 3.43 ? 26 VAL A HG12 1 
ATOM 306 H HG13 . VAL A 1 26 ? -2.099  -1.705  14.163  1.00 3.29 ? 26 VAL A HG13 1 
ATOM 307 H HG21 . VAL A 1 26 ? -2.188  -2.749  10.969  1.00 3.78 ? 26 VAL A HG21 1 
ATOM 308 H HG22 . VAL A 1 26 ? -0.809  -1.682  11.232  1.00 3.52 ? 26 VAL A HG22 1 
ATOM 309 H HG23 . VAL A 1 26 ? -2.312  -1.415  12.116  1.00 3.69 ? 26 VAL A HG23 1 
ATOM 310 N N    . ARG A 1 27 ? 1.002   -4.156  14.774  1.00 2.19 ? 27 ARG A N    1 
ATOM 311 C CA   . ARG A 1 27 ? 1.391   -5.072  15.839  1.00 2.64 ? 27 ARG A CA   1 
ATOM 312 C C    . ARG A 1 27 ? 0.753   -4.667  17.166  1.00 2.50 ? 27 ARG A C    1 
ATOM 313 O O    . ARG A 1 27 ? -0.163  -3.847  17.198  1.00 2.79 ? 27 ARG A O    1 
ATOM 314 C CB   . ARG A 1 27 ? 2.916   -5.108  15.976  1.00 3.59 ? 27 ARG A CB   1 
ATOM 315 C CG   . ARG A 1 27 ? 3.484   -6.514  16.076  1.00 4.45 ? 27 ARG A CG   1 
ATOM 316 C CD   . ARG A 1 27 ? 4.977   -6.533  15.794  1.00 5.40 ? 27 ARG A CD   1 
ATOM 317 N NE   . ARG A 1 27 ? 5.716   -5.652  16.696  1.00 6.27 ? 27 ARG A NE   1 
ATOM 318 C CZ   . ARG A 1 27 ? 6.976   -5.274  16.495  1.00 6.92 ? 27 ARG A CZ   1 
ATOM 319 N NH1  . ARG A 1 27 ? 7.642   -5.696  15.427  1.00 6.89 ? 27 ARG A NH1  1 
ATOM 320 N NH2  . ARG A 1 27 ? 7.573   -4.471  17.365  1.00 7.85 ? 27 ARG A NH2  1 
ATOM 321 H H    . ARG A 1 27 ? 0.980   -3.193  14.956  1.00 2.61 ? 27 ARG A H    1 
ATOM 322 H HA   . ARG A 1 27 ? 1.040   -6.057  15.572  1.00 3.01 ? 27 ARG A HA   1 
ATOM 323 H HB2  . ARG A 1 27 ? 3.354   -4.626  15.115  1.00 3.92 ? 27 ARG A HB2  1 
ATOM 324 H HB3  . ARG A 1 27 ? 3.200   -4.563  16.865  1.00 3.87 ? 27 ARG A HB3  1 
ATOM 325 H HG2  . ARG A 1 27 ? 3.312   -6.891  17.073  1.00 4.49 ? 27 ARG A HG2  1 
ATOM 326 H HG3  . ARG A 1 27 ? 2.982   -7.146  15.359  1.00 4.81 ? 27 ARG A HG3  1 
ATOM 327 H HD2  . ARG A 1 27 ? 5.341   -7.542  15.915  1.00 5.57 ? 27 ARG A HD2  1 
ATOM 328 H HD3  . ARG A 1 27 ? 5.142   -6.211  14.777  1.00 5.62 ? 27 ARG A HD3  1 
ATOM 329 H HE   . ARG A 1 27 ? 5.248   -5.325  17.493  1.00 6.56 ? 27 ARG A HE   1 
ATOM 330 H HH11 . ARG A 1 27 ? 7.197   -6.301  14.767  1.00 6.33 ? 27 ARG A HH11 1 
ATOM 331 H HH12 . ARG A 1 27 ? 8.588   -5.408  15.283  1.00 7.57 ? 27 ARG A HH12 1 
ATOM 332 H HH21 . ARG A 1 27 ? 7.077   -4.149  18.171  1.00 8.07 ? 27 ARG A HH21 1 
ATOM 333 H HH22 . ARG A 1 27 ? 8.520   -4.186  17.215  1.00 8.45 ? 27 ARG A HH22 1 
ATOM 334 N N    . TYR A 1 28 ? 1.247   -5.249  18.256  1.00 2.78 ? 28 TYR A N    1 
ATOM 335 C CA   . TYR A 1 28 ? 0.727   -4.952  19.587  1.00 3.14 ? 28 TYR A CA   1 
ATOM 336 C C    . TYR A 1 28 ? -0.734  -5.369  19.708  1.00 2.97 ? 28 TYR A C    1 
ATOM 337 O O    . TYR A 1 28 ? -1.549  -5.080  18.831  1.00 3.36 ? 28 TYR A O    1 
ATOM 338 C CB   . TYR A 1 28 ? 0.874   -3.458  19.898  1.00 4.08 ? 28 TYR A CB   1 
ATOM 339 C CG   . TYR A 1 28 ? 2.309   -2.987  20.031  1.00 4.92 ? 28 TYR A CG   1 
ATOM 340 C CD1  . TYR A 1 28 ? 3.377   -3.876  19.945  1.00 5.51 ? 28 TYR A CD1  1 
ATOM 341 C CD2  . TYR A 1 28 ? 2.595   -1.644  20.245  1.00 5.57 ? 28 TYR A CD2  1 
ATOM 342 C CE1  . TYR A 1 28 ? 4.682   -3.439  20.068  1.00 6.54 ? 28 TYR A CE1  1 
ATOM 343 C CE2  . TYR A 1 28 ? 3.898   -1.200  20.368  1.00 6.58 ? 28 TYR A CE2  1 
ATOM 344 C CZ   . TYR A 1 28 ? 4.937   -2.101  20.280  1.00 7.01 ? 28 TYR A CZ   1 
ATOM 345 O OH   . TYR A 1 28 ? 6.236   -1.663  20.402  1.00 8.17 ? 28 TYR A OH   1 
ATOM 346 H H    . TYR A 1 28 ? 1.978   -5.894  18.162  1.00 3.13 ? 28 TYR A H    1 
ATOM 347 H HA   . TYR A 1 28 ? 1.309   -5.516  20.300  1.00 3.41 ? 28 TYR A HA   1 
ATOM 348 H HB2  . TYR A 1 28 ? 0.413   -2.888  19.106  1.00 4.25 ? 28 TYR A HB2  1 
ATOM 349 H HB3  . TYR A 1 28 ? 0.368   -3.244  20.828  1.00 4.38 ? 28 TYR A HB3  1 
ATOM 350 H HD1  . TYR A 1 28 ? 3.176   -4.924  19.778  1.00 5.40 ? 28 TYR A HD1  1 
ATOM 351 H HD2  . TYR A 1 28 ? 1.779   -0.939  20.315  1.00 5.51 ? 28 TYR A HD2  1 
ATOM 352 H HE1  . TYR A 1 28 ? 5.497   -4.145  19.998  1.00 7.17 ? 28 TYR A HE1  1 
ATOM 353 H HE2  . TYR A 1 28 ? 4.098   -0.152  20.534  1.00 7.23 ? 28 TYR A HE2  1 
ATOM 354 H HH   . TYR A 1 28 ? 6.718   -1.861  19.596  1.00 8.46 ? 28 TYR A HH   1 
ATOM 355 N N    . GLY A 1 29 ? -1.060  -6.050  20.802  1.00 2.96 ? 29 GLY A N    1 
ATOM 356 C CA   . GLY A 1 29 ? -2.424  -6.497  21.018  1.00 3.16 ? 29 GLY A CA   1 
ATOM 357 C C    . GLY A 1 29 ? -2.691  -7.860  20.412  1.00 2.95 ? 29 GLY A C    1 
ATOM 358 O O    . GLY A 1 29 ? -1.932  -8.329  19.563  1.00 3.17 ? 29 GLY A O    1 
ATOM 359 H H    . GLY A 1 29 ? -0.369  -6.252  21.466  1.00 3.19 ? 29 GLY A H    1 
ATOM 360 H HA2  . GLY A 1 29 ? -2.611  -6.545  22.081  1.00 3.67 ? 29 GLY A HA2  1 
ATOM 361 H HA3  . GLY A 1 29 ? -3.100  -5.780  20.576  1.00 3.35 ? 29 GLY A HA3  1 
ATOM 362 N N    . ASP A 1 30 ? -3.773  -8.498  20.846  1.00 3.09 ? 30 ASP A N    1 
ATOM 363 C CA   . ASP A 1 30 ? -4.139  -9.815  20.341  1.00 3.24 ? 30 ASP A CA   1 
ATOM 364 C C    . ASP A 1 30 ? -4.638  -9.728  18.902  1.00 2.72 ? 30 ASP A C    1 
ATOM 365 O O    . ASP A 1 30 ? -4.480  -10.666 18.122  1.00 3.03 ? 30 ASP A O    1 
ATOM 366 C CB   . ASP A 1 30 ? -5.212  -10.445 21.229  1.00 4.01 ? 30 ASP A CB   1 
ATOM 367 C CG   . ASP A 1 30 ? -5.001  -11.934 21.424  1.00 4.75 ? 30 ASP A CG   1 
ATOM 368 O OD1  . ASP A 1 30 ? -4.674  -12.622 20.434  1.00 5.20 ? 30 ASP A OD1  1 
ATOM 369 O OD2  . ASP A 1 30 ? -5.164  -12.413 22.567  1.00 5.21 ? 30 ASP A OD2  1 
ATOM 370 H H    . ASP A 1 30 ? -4.340  -8.071  21.523  1.00 3.44 ? 30 ASP A H    1 
ATOM 371 H HA   . ASP A 1 30 ? -3.255  -10.436 20.365  1.00 3.58 ? 30 ASP A HA   1 
ATOM 372 H HB2  . ASP A 1 30 ? -5.194  -9.969  22.198  1.00 4.18 ? 30 ASP A HB2  1 
ATOM 373 H HB3  . ASP A 1 30 ? -6.182  -10.293 20.776  1.00 4.20 ? 30 ASP A HB3  1 
ATOM 374 N N    . SER A 1 31 ? -5.245  -8.596  18.558  1.00 2.56 ? 31 SER A N    1 
ATOM 375 C CA   . SER A 1 31 ? -5.768  -8.388  17.214  1.00 2.49 ? 31 SER A CA   1 
ATOM 376 C C    . SER A 1 31 ? -4.709  -7.773  16.304  1.00 2.09 ? 31 SER A C    1 
ATOM 377 O O    . SER A 1 31 ? -4.218  -6.674  16.562  1.00 2.49 ? 31 SER A O    1 
ATOM 378 C CB   . SER A 1 31 ? -7.004  -7.487  17.260  1.00 3.08 ? 31 SER A CB   1 
ATOM 379 O OG   . SER A 1 31 ? -7.985  -8.010  18.138  1.00 3.77 ? 31 SER A OG   1 
ATOM 380 H H    . SER A 1 31 ? -5.342  -7.884  19.225  1.00 2.96 ? 31 SER A H    1 
ATOM 381 H HA   . SER A 1 31 ? -6.052  -9.351  16.816  1.00 2.92 ? 31 SER A HA   1 
ATOM 382 H HB2  . SER A 1 31 ? -6.717  -6.505  17.605  1.00 3.32 ? 31 SER A HB2  1 
ATOM 383 H HB3  . SER A 1 31 ? -7.428  -7.410  16.269  1.00 3.40 ? 31 SER A HB3  1 
ATOM 384 H HG   . SER A 1 31 ? -7.663  -7.964  19.042  1.00 4.01 ? 31 SER A HG   1 
ATOM 385 N N    . LYS A 1 32 ? -4.364  -8.488  15.239  1.00 1.98 ? 32 LYS A N    1 
ATOM 386 C CA   . LYS A 1 32 ? -3.364  -8.012  14.291  1.00 2.07 ? 32 LYS A CA   1 
ATOM 387 C C    . LYS A 1 32 ? -4.023  -7.551  12.994  1.00 1.67 ? 32 LYS A C    1 
ATOM 388 O O    . LYS A 1 32 ? -5.208  -7.797  12.768  1.00 2.21 ? 32 LYS A O    1 
ATOM 389 C CB   . LYS A 1 32 ? -2.345  -9.113  13.992  1.00 3.14 ? 32 LYS A CB   1 
ATOM 390 C CG   . LYS A 1 32 ? -1.888  -9.871  15.229  1.00 4.00 ? 32 LYS A CG   1 
ATOM 391 C CD   . LYS A 1 32 ? -2.570  -11.226 15.336  1.00 4.81 ? 32 LYS A CD   1 
ATOM 392 C CE   . LYS A 1 32 ? -2.378  -11.839 16.714  1.00 5.70 ? 32 LYS A CE   1 
ATOM 393 N NZ   . LYS A 1 32 ? -3.464  -12.802 17.050  1.00 6.51 ? 32 LYS A NZ   1 
ATOM 394 H H    . LYS A 1 32 ? -4.792  -9.356  15.087  1.00 2.31 ? 32 LYS A H    1 
ATOM 395 H HA   . LYS A 1 32 ? -2.853  -7.173  14.739  1.00 2.36 ? 32 LYS A HA   1 
ATOM 396 H HB2  . LYS A 1 32 ? -2.786  -9.821  13.305  1.00 3.51 ? 32 LYS A HB2  1 
ATOM 397 H HB3  . LYS A 1 32 ? -1.477  -8.669  13.528  1.00 3.42 ? 32 LYS A HB3  1 
ATOM 398 H HG2  . LYS A 1 32 ? -0.820  -10.021 15.174  1.00 4.30 ? 32 LYS A HG2  1 
ATOM 399 H HG3  . LYS A 1 32 ? -2.126  -9.287  16.106  1.00 4.21 ? 32 LYS A HG3  1 
ATOM 400 H HD2  . LYS A 1 32 ? -3.627  -11.103 15.153  1.00 4.93 ? 32 LYS A HD2  1 
ATOM 401 H HD3  . LYS A 1 32 ? -2.149  -11.890 14.595  1.00 5.06 ? 32 LYS A HD3  1 
ATOM 402 H HE2  . LYS A 1 32 ? -1.431  -12.357 16.736  1.00 5.70 ? 32 LYS A HE2  1 
ATOM 403 H HE3  . LYS A 1 32 ? -2.372  -11.046 17.448  1.00 6.11 ? 32 LYS A HE3  1 
ATOM 404 H HZ1  . LYS A 1 32 ? -3.426  -13.620 16.411  1.00 6.67 ? 32 LYS A HZ1  1 
ATOM 405 H HZ2  . LYS A 1 32 ? -4.391  -12.342 16.953  1.00 7.05 ? 32 LYS A HZ2  1 
ATOM 406 H HZ3  . LYS A 1 32 ? -3.355  -13.135 18.030  1.00 6.67 ? 32 LYS A HZ3  1 
ATOM 407 N N    . ASN A 1 33 ? -3.250  -6.879  12.147  1.00 1.37 ? 33 ASN A N    1 
ATOM 408 C CA   . ASN A 1 33 ? -3.762  -6.384  10.875  1.00 1.61 ? 33 ASN A CA   1 
ATOM 409 C C    . ASN A 1 33 ? -2.623  -6.100  9.900   1.00 1.31 ? 33 ASN A C    1 
ATOM 410 O O    . ASN A 1 33 ? -1.723  -5.314  10.195  1.00 1.30 ? 33 ASN A O    1 
ATOM 411 C CB   . ASN A 1 33 ? -4.592  -5.117  11.095  1.00 2.25 ? 33 ASN A CB   1 
ATOM 412 C CG   . ASN A 1 33 ? -6.082  -5.397  11.107  1.00 3.10 ? 33 ASN A CG   1 
ATOM 413 O OD1  . ASN A 1 33 ? -6.696  -5.599  10.060  1.00 3.74 ? 33 ASN A OD1  1 
ATOM 414 N ND2  . ASN A 1 33 ? -6.672  -5.412  12.297  1.00 3.60 ? 33 ASN A ND2  1 
ATOM 415 H H    . ASN A 1 33 ? -2.313  -6.713  12.383  1.00 1.59 ? 33 ASN A H    1 
ATOM 416 H HA   . ASN A 1 33 ? -4.396  -7.150  10.454  1.00 2.10 ? 33 ASN A HA   1 
ATOM 417 H HB2  . ASN A 1 33 ? -4.321  -4.676  12.042  1.00 2.38 ? 33 ASN A HB2  1 
ATOM 418 H HB3  . ASN A 1 33 ? -4.383  -4.414  10.301  1.00 2.61 ? 33 ASN A HB3  1 
ATOM 419 H HD21 . ASN A 1 33 ? -6.120  -5.243  13.089  1.00 3.51 ? 33 ASN A HD21 1 
ATOM 420 H HD22 . ASN A 1 33 ? -7.635  -5.591  12.335  1.00 4.30 ? 33 ASN A HD22 1 
ATOM 421 N N    . VAL A 1 34 ? -2.672  -6.743  8.738   1.00 1.28 ? 34 VAL A N    1 
ATOM 422 C CA   . VAL A 1 34 ? -1.647  -6.557  7.718   1.00 1.08 ? 34 VAL A CA   1 
ATOM 423 C C    . VAL A 1 34 ? -2.132  -5.612  6.622   1.00 1.02 ? 34 VAL A C    1 
ATOM 424 O O    . VAL A 1 34 ? -2.825  -6.026  5.694   1.00 1.16 ? 34 VAL A O    1 
ATOM 425 C CB   . VAL A 1 34 ? -1.239  -7.897  7.080   1.00 1.25 ? 34 VAL A CB   1 
ATOM 426 C CG1  . VAL A 1 34 ? -0.362  -8.697  8.032   1.00 2.07 ? 34 VAL A CG1  1 
ATOM 427 C CG2  . VAL A 1 34 ? -2.470  -8.696  6.680   1.00 1.79 ? 34 VAL A CG2  1 
ATOM 428 H H    . VAL A 1 34 ? -3.417  -7.354  8.561   1.00 1.52 ? 34 VAL A H    1 
ATOM 429 H HA   . VAL A 1 34 ? -0.778  -6.127  8.192   1.00 1.01 ? 34 VAL A HA   1 
ATOM 430 H HB   . VAL A 1 34 ? -0.666  -7.690  6.188   1.00 1.65 ? 34 VAL A HB   1 
ATOM 431 H HG11 . VAL A 1 34 ? -0.564  -8.392  9.048   1.00 2.46 ? 34 VAL A HG11 1 
ATOM 432 H HG12 . VAL A 1 34 ? 0.677   -8.516  7.801   1.00 2.64 ? 34 VAL A HG12 1 
ATOM 433 H HG13 . VAL A 1 34 ? -0.578  -9.749  7.923   1.00 2.59 ? 34 VAL A HG13 1 
ATOM 434 H HG21 . VAL A 1 34 ? -2.687  -9.429  7.442   1.00 2.33 ? 34 VAL A HG21 1 
ATOM 435 H HG22 . VAL A 1 34 ? -2.285  -9.197  5.741   1.00 2.24 ? 34 VAL A HG22 1 
ATOM 436 H HG23 . VAL A 1 34 ? -3.312  -8.029  6.572   1.00 2.25 ? 34 VAL A HG23 1 
ATOM 437 N N    . ARG A 1 35 ? -1.763  -4.341  6.740   1.00 0.98 ? 35 ARG A N    1 
ATOM 438 C CA   . ARG A 1 35 ? -2.163  -3.335  5.764   1.00 1.04 ? 35 ARG A CA   1 
ATOM 439 C C    . ARG A 1 35 ? -1.251  -3.364  4.541   1.00 0.93 ? 35 ARG A C    1 
ATOM 440 O O    . ARG A 1 35 ? -0.069  -3.030  4.627   1.00 1.01 ? 35 ARG A O    1 
ATOM 441 C CB   . ARG A 1 35 ? -2.140  -1.942  6.397   1.00 1.21 ? 35 ARG A CB   1 
ATOM 442 C CG   . ARG A 1 35 ? -3.234  -1.021  5.879   1.00 1.12 ? 35 ARG A CG   1 
ATOM 443 C CD   . ARG A 1 35 ? -4.328  -0.814  6.915   1.00 1.41 ? 35 ARG A CD   1 
ATOM 444 N NE   . ARG A 1 35 ? -5.032  0.451   6.722   1.00 1.93 ? 35 ARG A NE   1 
ATOM 445 C CZ   . ARG A 1 35 ? -5.766  1.042   7.664   1.00 2.53 ? 35 ARG A CZ   1 
ATOM 446 N NH1  . ARG A 1 35 ? -5.894  0.485   8.862   1.00 2.85 ? 35 ARG A NH1  1 
ATOM 447 N NH2  . ARG A 1 35 ? -6.372  2.192   7.406   1.00 3.37 ? 35 ARG A NH2  1 
ATOM 448 H H    . ARG A 1 35 ? -1.212  -4.073  7.505   1.00 1.03 ? 35 ARG A H    1 
ATOM 449 H HA   . ARG A 1 35 ? -3.171  -3.561  5.449   1.00 1.14 ? 35 ARG A HA   1 
ATOM 450 H HB2  . ARG A 1 35 ? -2.258  -2.043  7.465   1.00 1.54 ? 35 ARG A HB2  1 
ATOM 451 H HB3  . ARG A 1 35 ? -1.185  -1.483  6.190   1.00 1.57 ? 35 ARG A HB3  1 
ATOM 452 H HG2  . ARG A 1 35 ? -2.798  -0.063  5.635   1.00 1.46 ? 35 ARG A HG2  1 
ATOM 453 H HG3  . ARG A 1 35 ? -3.668  -1.457  4.991   1.00 1.31 ? 35 ARG A HG3  1 
ATOM 454 H HD2  . ARG A 1 35 ? -5.037  -1.625  6.837   1.00 1.88 ? 35 ARG A HD2  1 
ATOM 455 H HD3  . ARG A 1 35 ? -3.880  -0.821  7.898   1.00 1.86 ? 35 ARG A HD3  1 
ATOM 456 H HE   . ARG A 1 35 ? -4.954  0.884   5.847   1.00 2.39 ? 35 ARG A HE   1 
ATOM 457 H HH11 . ARG A 1 35 ? -5.440  -0.382  9.062   1.00 2.74 ? 35 ARG A HH11 1 
ATOM 458 H HH12 . ARG A 1 35 ? -6.447  0.934   9.564   1.00 3.56 ? 35 ARG A HH12 1 
ATOM 459 H HH21 . ARG A 1 35 ? -6.279  2.616   6.506   1.00 3.70 ? 35 ARG A HH21 1 
ATOM 460 H HH22 . ARG A 1 35 ? -6.924  2.636   8.113   1.00 3.91 ? 35 ARG A HH22 1 
ATOM 461 N N    . LYS A 1 36 ? -1.809  -3.761  3.402   1.00 0.84 ? 36 LYS A N    1 
ATOM 462 C CA   . LYS A 1 36 ? -1.049  -3.828  2.159   1.00 0.78 ? 36 LYS A CA   1 
ATOM 463 C C    . LYS A 1 36 ? -1.325  -2.603  1.293   1.00 0.70 ? 36 LYS A C    1 
ATOM 464 O O    . LYS A 1 36 ? -2.183  -1.784  1.619   1.00 0.96 ? 36 LYS A O    1 
ATOM 465 C CB   . LYS A 1 36 ? -1.401  -5.103  1.389   1.00 0.87 ? 36 LYS A CB   1 
ATOM 466 C CG   . LYS A 1 36 ? -0.277  -5.604  0.497   1.00 1.03 ? 36 LYS A CG   1 
ATOM 467 C CD   . LYS A 1 36 ? -0.159  -7.120  0.546   1.00 1.36 ? 36 LYS A CD   1 
ATOM 468 C CE   . LYS A 1 36 ? 0.531   -7.665  -0.694  1.00 1.78 ? 36 LYS A CE   1 
ATOM 469 N NZ   . LYS A 1 36 ? 0.692   -9.143  -0.634  1.00 2.29 ? 36 LYS A NZ   1 
ATOM 470 H H    . LYS A 1 36 ? -2.757  -4.011  3.396   1.00 0.90 ? 36 LYS A H    1 
ATOM 471 H HA   . LYS A 1 36 ? 0.000   -3.848  2.412   1.00 0.80 ? 36 LYS A HA   1 
ATOM 472 H HB2  . LYS A 1 36 ? -1.645  -5.881  2.097   1.00 1.09 ? 36 LYS A HB2  1 
ATOM 473 H HB3  . LYS A 1 36 ? -2.264  -4.909  0.770   1.00 1.11 ? 36 LYS A HB3  1 
ATOM 474 H HG2  . LYS A 1 36 ? -0.475  -5.301  -0.520  1.00 1.57 ? 36 LYS A HG2  1 
ATOM 475 H HG3  . LYS A 1 36 ? 0.654   -5.169  0.829   1.00 1.38 ? 36 LYS A HG3  1 
ATOM 476 H HD2  . LYS A 1 36 ? 0.414   -7.398  1.417   1.00 1.92 ? 36 LYS A HD2  1 
ATOM 477 H HD3  . LYS A 1 36 ? -1.150  -7.545  0.611   1.00 1.76 ? 36 LYS A HD3  1 
ATOM 478 H HE2  . LYS A 1 36 ? -0.059  -7.411  -1.562  1.00 2.12 ? 36 LYS A HE2  1 
ATOM 479 H HE3  . LYS A 1 36 ? 1.507   -7.207  -0.778  1.00 2.31 ? 36 LYS A HE3  1 
ATOM 480 H HZ1  . LYS A 1 36 ? 1.183   -9.415  0.241   1.00 2.58 ? 36 LYS A HZ1  1 
ATOM 481 H HZ2  . LYS A 1 36 ? 1.251   -9.476  -1.447  1.00 2.86 ? 36 LYS A HZ2  1 
ATOM 482 H HZ3  . LYS A 1 36 ? -0.238  -9.606  -0.655  1.00 2.52 ? 36 LYS A HZ3  1 
ATOM 483 N N    . PHE A 1 37 ? -0.594  -2.482  0.189   1.00 0.76 ? 37 PHE A N    1 
ATOM 484 C CA   . PHE A 1 37 ? -0.766  -1.354  -0.718  1.00 0.66 ? 37 PHE A CA   1 
ATOM 485 C C    . PHE A 1 37 ? -0.637  -1.795  -2.173  1.00 0.64 ? 37 PHE A C    1 
ATOM 486 O O    . PHE A 1 37 ? 0.447   -2.163  -2.626  1.00 0.79 ? 37 PHE A O    1 
ATOM 487 C CB   . PHE A 1 37 ? 0.261   -0.263  -0.408  1.00 0.67 ? 37 PHE A CB   1 
ATOM 488 C CG   . PHE A 1 37 ? -0.089  0.565   0.794   1.00 0.71 ? 37 PHE A CG   1 
ATOM 489 C CD1  . PHE A 1 37 ? -0.909  1.675   0.673   1.00 1.39 ? 37 PHE A CD1  1 
ATOM 490 C CD2  . PHE A 1 37 ? 0.400   0.232   2.047   1.00 1.42 ? 37 PHE A CD2  1 
ATOM 491 C CE1  . PHE A 1 37 ? -1.234  2.439   1.779   1.00 1.42 ? 37 PHE A CE1  1 
ATOM 492 C CE2  . PHE A 1 37 ? 0.079   0.992   3.157   1.00 1.52 ? 37 PHE A CE2  1 
ATOM 493 C CZ   . PHE A 1 37 ? -0.739  2.095   3.022   1.00 0.93 ? 37 PHE A CZ   1 
ATOM 494 H H    . PHE A 1 37 ? 0.076   -3.167  -0.019  1.00 1.07 ? 37 PHE A H    1 
ATOM 495 H HA   . PHE A 1 37 ? -1.758  -0.954  -0.563  1.00 0.65 ? 37 PHE A HA   1 
ATOM 496 H HB2  . PHE A 1 37 ? 1.220   -0.724  -0.227  1.00 0.76 ? 37 PHE A HB2  1 
ATOM 497 H HB3  . PHE A 1 37 ? 0.339   0.399   -1.258  1.00 0.65 ? 37 PHE A HB3  1 
ATOM 498 H HD1  . PHE A 1 37 ? -1.296  1.944   -0.300  1.00 2.23 ? 37 PHE A HD1  1 
ATOM 499 H HD2  . PHE A 1 37 ? 1.040   -0.632  2.154   1.00 2.23 ? 37 PHE A HD2  1 
ATOM 500 H HE1  . PHE A 1 37 ? -1.874  3.301   1.670   1.00 2.23 ? 37 PHE A HE1  1 
ATOM 501 H HE2  . PHE A 1 37 ? 0.466   0.720   4.128   1.00 2.37 ? 37 PHE A HE2  1 
ATOM 502 H HZ   . PHE A 1 37 ? -0.992  2.691   3.887   1.00 1.05 ? 37 PHE A HZ   1 
ATOM 503 N N    . ILE A 1 38 ? -1.750  -1.755  -2.898  1.00 0.59 ? 38 ILE A N    1 
ATOM 504 C CA   . ILE A 1 38 ? -1.764  -2.150  -4.300  1.00 0.62 ? 38 ILE A CA   1 
ATOM 505 C C    . ILE A 1 38 ? -1.809  -0.931  -5.214  1.00 0.55 ? 38 ILE A C    1 
ATOM 506 O O    . ILE A 1 38 ? -2.378  0.102   -4.861  1.00 0.61 ? 38 ILE A O    1 
ATOM 507 C CB   . ILE A 1 38 ? -2.974  -3.048  -4.610  1.00 0.72 ? 38 ILE A CB   1 
ATOM 508 C CG1  . ILE A 1 38 ? -4.268  -2.340  -4.212  1.00 0.87 ? 38 ILE A CG1  1 
ATOM 509 C CG2  . ILE A 1 38 ? -2.846  -4.379  -3.882  1.00 0.94 ? 38 ILE A CG2  1 
ATOM 510 C CD1  . ILE A 1 38 ? -5.506  -2.960  -4.817  1.00 1.28 ? 38 ILE A CD1  1 
ATOM 511 H H    . ILE A 1 38 ? -2.584  -1.453  -2.480  1.00 0.62 ? 38 ILE A H    1 
ATOM 512 H HA   . ILE A 1 38 ? -0.862  -2.710  -4.500  1.00 0.68 ? 38 ILE A HA   1 
ATOM 513 H HB   . ILE A 1 38 ? -2.988  -3.245  -5.671  1.00 0.95 ? 38 ILE A HB   1 
ATOM 514 H HG12 . ILE A 1 38 ? -4.374  -2.371  -3.139  1.00 1.15 ? 38 ILE A HG12 1 
ATOM 515 H HG13 . ILE A 1 38 ? -4.221  -1.310  -4.536  1.00 1.27 ? 38 ILE A HG13 1 
ATOM 516 H HG21 . ILE A 1 38 ? -1.808  -4.561  -3.644  1.00 1.40 ? 38 ILE A HG21 1 
ATOM 517 H HG22 . ILE A 1 38 ? -3.214  -5.172  -4.517  1.00 1.38 ? 38 ILE A HG22 1 
ATOM 518 H HG23 . ILE A 1 38 ? -3.426  -4.349  -2.972  1.00 1.55 ? 38 ILE A HG23 1 
ATOM 519 H HD11 . ILE A 1 38 ? -5.450  -4.034  -4.728  1.00 1.70 ? 38 ILE A HD11 1 
ATOM 520 H HD12 . ILE A 1 38 ? -5.573  -2.687  -5.860  1.00 1.75 ? 38 ILE A HD12 1 
ATOM 521 H HD13 . ILE A 1 38 ? -6.380  -2.600  -4.294  1.00 1.76 ? 38 ILE A HD13 1 
ATOM 522 N N    . CYS A 1 39 ? -1.210  -1.060  -6.394  1.00 0.53 ? 39 CYS A N    1 
ATOM 523 C CA   . CYS A 1 39 ? -1.187  0.032   -7.361  1.00 0.51 ? 39 CYS A CA   1 
ATOM 524 C C    . CYS A 1 39 ? -2.471  0.050   -8.185  1.00 0.59 ? 39 CYS A C    1 
ATOM 525 O O    . CYS A 1 39 ? -2.612  -0.700  -9.150  1.00 0.75 ? 39 CYS A O    1 
ATOM 526 C CB   . CYS A 1 39 ? 0.025   -0.104  -8.286  1.00 0.59 ? 39 CYS A CB   1 
ATOM 527 S SG   . CYS A 1 39 ? 1.553   0.636   -7.622  1.00 1.14 ? 39 CYS A SG   1 
ATOM 528 H H    . CYS A 1 39 ? -0.776  -1.908  -6.621  1.00 0.60 ? 39 CYS A H    1 
ATOM 529 H HA   . CYS A 1 39 ? -1.110  0.960   -6.814  1.00 0.47 ? 39 CYS A HA   1 
ATOM 530 H HB2  . CYS A 1 39 ? 0.218   -1.151  -8.463  1.00 0.96 ? 39 CYS A HB2  1 
ATOM 531 H HB3  . CYS A 1 39 ? -0.194  0.381   -9.226  1.00 0.95 ? 39 CYS A HB3  1 
ATOM 532 N N    . ASP A 1 40 ? -3.406  0.910   -7.794  1.00 0.58 ? 40 ASP A N    1 
ATOM 533 C CA   . ASP A 1 40 ? -4.680  1.023   -8.495  1.00 0.69 ? 40 ASP A CA   1 
ATOM 534 C C    . ASP A 1 40 ? -4.578  1.997   -9.664  1.00 0.72 ? 40 ASP A C    1 
ATOM 535 O O    . ASP A 1 40 ? -4.258  3.171   -9.479  1.00 0.72 ? 40 ASP A O    1 
ATOM 536 C CB   . ASP A 1 40 ? -5.778  1.479   -7.531  1.00 0.77 ? 40 ASP A CB   1 
ATOM 537 C CG   . ASP A 1 40 ? -7.107  0.802   -7.807  1.00 1.08 ? 40 ASP A CG   1 
ATOM 538 O OD1  . ASP A 1 40 ? -7.098  -0.359  -8.267  1.00 1.63 ? 40 ASP A OD1  1 
ATOM 539 O OD2  . ASP A 1 40 ? -8.155  1.434   -7.562  1.00 1.68 ? 40 ASP A OD2  1 
ATOM 540 H H    . ASP A 1 40 ? -3.237  1.481   -7.016  1.00 0.57 ? 40 ASP A H    1 
ATOM 541 H HA   . ASP A 1 40 ? -4.934  0.045   -8.878  1.00 0.79 ? 40 ASP A HA   1 
ATOM 542 H HB2  . ASP A 1 40 ? -5.480  1.244   -6.519  1.00 0.81 ? 40 ASP A HB2  1 
ATOM 543 H HB3  . ASP A 1 40 ? -5.911  2.546   -7.625  1.00 0.96 ? 40 ASP A HB3  1 
ATOM 544 N N    . ARG A 1 41 ? -4.852  1.501   -10.865 1.00 0.90 ? 41 ARG A N    1 
ATOM 545 C CA   . ARG A 1 41 ? -4.792  2.328   -12.066 1.00 1.04 ? 41 ARG A CA   1 
ATOM 546 C C    . ARG A 1 41 ? -6.148  2.374   -12.766 1.00 1.05 ? 41 ARG A C    1 
ATOM 547 O O    . ARG A 1 41 ? -6.227  2.620   -13.969 1.00 1.33 ? 41 ARG A O    1 
ATOM 548 C CB   . ARG A 1 41 ? -3.730  1.789   -13.026 1.00 1.47 ? 41 ARG A CB   1 
ATOM 549 C CG   . ARG A 1 41 ? -2.390  2.501   -12.913 1.00 2.05 ? 41 ARG A CG   1 
ATOM 550 C CD   . ARG A 1 41 ? -1.811  2.828   -14.280 1.00 2.67 ? 41 ARG A CD   1 
ATOM 551 N NE   . ARG A 1 41 ? -0.671  1.975   -14.611 1.00 3.28 ? 41 ARG A NE   1 
ATOM 552 C CZ   . ARG A 1 41 ? -0.785  0.734   -15.079 1.00 3.82 ? 41 ARG A CZ   1 
ATOM 553 N NH1  . ARG A 1 41 ? -1.982  0.197   -15.276 1.00 3.96 ? 41 ARG A NH1  1 
ATOM 554 N NH2  . ARG A 1 41 ? 0.304   0.028   -15.351 1.00 4.64 ? 41 ARG A NH2  1 
ATOM 555 H H    . ARG A 1 41 ? -5.102  0.557   -10.947 1.00 1.00 ? 41 ARG A H    1 
ATOM 556 H HA   . ARG A 1 41 ? -4.519  3.328   -11.767 1.00 1.09 ? 41 ARG A HA   1 
ATOM 557 H HB2  . ARG A 1 41 ? -3.574  0.741   -12.817 1.00 1.69 ? 41 ARG A HB2  1 
ATOM 558 H HB3  . ARG A 1 41 ? -4.088  1.896   -14.038 1.00 1.80 ? 41 ARG A HB3  1 
ATOM 559 H HG2  . ARG A 1 41 ? -2.529  3.421   -12.364 1.00 2.37 ? 41 ARG A HG2  1 
ATOM 560 H HG3  . ARG A 1 41 ? -1.699  1.864   -12.382 1.00 2.34 ? 41 ARG A HG3  1 
ATOM 561 H HD2  . ARG A 1 41 ? -2.579  2.692   -15.027 1.00 3.07 ? 41 ARG A HD2  1 
ATOM 562 H HD3  . ARG A 1 41 ? -1.489  3.860   -14.283 1.00 2.93 ? 41 ARG A HD3  1 
ATOM 563 H HE   . ARG A 1 41 ? 0.226   2.347   -14.477 1.00 3.66 ? 41 ARG A HE   1 
ATOM 564 H HH11 . ARG A 1 41 ? -2.807  0.724   -15.074 1.00 3.71 ? 41 ARG A HH11 1 
ATOM 565 H HH12 . ARG A 1 41 ? -2.060  -0.736  -15.628 1.00 4.61 ? 41 ARG A HH12 1 
ATOM 566 H HH21 . ARG A 1 41 ? 1.209   0.428   -15.205 1.00 4.95 ? 41 ARG A HH21 1 
ATOM 567 H HH22 . ARG A 1 41 ? 0.220   -0.905  -15.702 1.00 5.15 ? 41 ARG A HH22 1 
ATOM 568 N N    . ASP A 1 42 ? -7.212  2.140   -12.006 1.00 1.18 ? 42 ASP A N    1 
ATOM 569 C CA   . ASP A 1 42 ? -8.562  2.157   -12.555 1.00 1.48 ? 42 ASP A CA   1 
ATOM 570 C C    . ASP A 1 42 ? -9.199  3.533   -12.393 1.00 1.59 ? 42 ASP A C    1 
ATOM 571 O O    . ASP A 1 42 ? -10.017 3.951   -13.212 1.00 2.06 ? 42 ASP A O    1 
ATOM 572 C CB   . ASP A 1 42 ? -9.427  1.096   -11.872 1.00 1.84 ? 42 ASP A CB   1 
ATOM 573 C CG   . ASP A 1 42 ? -10.380 0.418   -12.837 1.00 2.36 ? 42 ASP A CG   1 
ATOM 574 O OD1  . ASP A 1 42 ? -11.408 1.035   -13.189 1.00 2.83 ? 42 ASP A OD1  1 
ATOM 575 O OD2  . ASP A 1 42 ? -10.100 -0.731  -13.239 1.00 2.82 ? 42 ASP A OD2  1 
ATOM 576 H H    . ASP A 1 42 ? -7.087  1.950   -11.052 1.00 1.34 ? 42 ASP A H    1 
ATOM 577 H HA   . ASP A 1 42 ? -8.494  1.928   -13.608 1.00 1.58 ? 42 ASP A HA   1 
ATOM 578 H HB2  . ASP A 1 42 ? -8.786  0.342   -11.439 1.00 1.82 ? 42 ASP A HB2  1 
ATOM 579 H HB3  . ASP A 1 42 ? -10.007 1.562   -11.089 1.00 2.20 ? 42 ASP A HB3  1 
ATOM 580 N N    . GLY A 1 43 ? -8.819  4.232   -11.328 1.00 1.60 ? 43 GLY A N    1 
ATOM 581 C CA   . GLY A 1 43 ? -9.364  5.554   -11.076 1.00 1.83 ? 43 GLY A CA   1 
ATOM 582 C C    . GLY A 1 43 ? -8.405  6.660   -11.469 1.00 1.65 ? 43 GLY A C    1 
ATOM 583 O O    . GLY A 1 43 ? -8.649  7.391   -12.429 1.00 1.95 ? 43 GLY A O    1 
ATOM 584 H H    . GLY A 1 43 ? -8.164  3.848   -10.708 1.00 1.76 ? 43 GLY A H    1 
ATOM 585 H HA2  . GLY A 1 43 ? -10.278 5.668   -11.641 1.00 2.13 ? 43 GLY A HA2  1 
ATOM 586 H HA3  . GLY A 1 43 ? -9.589  5.644   -10.024 1.00 2.01 ? 43 GLY A HA3  1 
ATOM 587 N N    . GLU A 1 44 ? -7.311  6.786   -10.724 1.00 1.35 ? 44 GLU A N    1 
ATOM 588 C CA   . GLU A 1 44 ? -6.312  7.812   -10.999 1.00 1.34 ? 44 GLU A CA   1 
ATOM 589 C C    . GLU A 1 44 ? -4.972  7.183   -11.364 1.00 1.14 ? 44 GLU A C    1 
ATOM 590 O O    . GLU A 1 44 ? -4.426  7.438   -12.438 1.00 1.41 ? 44 GLU A O    1 
ATOM 591 C CB   . GLU A 1 44 ? -6.145  8.728   -9.785  1.00 1.46 ? 44 GLU A CB   1 
ATOM 592 C CG   . GLU A 1 44 ? -7.051  9.948   -9.815  1.00 2.03 ? 44 GLU A CG   1 
ATOM 593 C CD   . GLU A 1 44 ? -6.524  11.087  -8.964  1.00 2.51 ? 44 GLU A CD   1 
ATOM 594 O OE1  . GLU A 1 44 ? -5.311  11.090  -8.662  1.00 3.00 ? 44 GLU A OE1  1 
ATOM 595 O OE2  . GLU A 1 44 ? -7.322  11.974  -8.598  1.00 3.03 ? 44 GLU A OE2  1 
ATOM 596 H H    . GLU A 1 44 ? -7.173  6.173   -9.972  1.00 1.33 ? 44 GLU A H    1 
ATOM 597 H HA   . GLU A 1 44 ? -6.660  8.399   -11.836 1.00 1.62 ? 44 GLU A HA   1 
ATOM 598 H HB2  . GLU A 1 44 ? -6.365  8.165   -8.891  1.00 1.78 ? 44 GLU A HB2  1 
ATOM 599 H HB3  . GLU A 1 44 ? -5.121  9.068   -9.743  1.00 1.55 ? 44 GLU A HB3  1 
ATOM 600 H HG2  . GLU A 1 44 ? -7.138  10.292  -10.834 1.00 2.23 ? 44 GLU A HG2  1 
ATOM 601 H HG3  . GLU A 1 44 ? -8.026  9.665   -9.446  1.00 2.69 ? 44 GLU A HG3  1 
ATOM 602 N N    . GLY A 1 45 ? -4.444  6.362   -10.461 1.00 0.95 ? 45 GLY A N    1 
ATOM 603 C CA   . GLY A 1 45 ? -3.170  5.709   -10.706 1.00 0.85 ? 45 GLY A CA   1 
ATOM 604 C C    . GLY A 1 45 ? -2.203  5.877   -9.552  1.00 0.72 ? 45 GLY A C    1 
ATOM 605 O O    . GLY A 1 45 ? -1.123  6.444   -9.716  1.00 0.81 ? 45 GLY A O    1 
ATOM 606 H H    . GLY A 1 45 ? -4.923  6.197   -9.623  1.00 1.12 ? 45 GLY A H    1 
ATOM 607 H HA2  . GLY A 1 45 ? -3.344  4.656   -10.866 1.00 0.80 ? 45 GLY A HA2  1 
ATOM 608 H HA3  . GLY A 1 45 ? -2.728  6.130   -11.596 1.00 1.04 ? 45 GLY A HA3  1 
ATOM 609 N N    . VAL A 1 46 ? -2.591  5.385   -8.379  1.00 0.58 ? 46 VAL A N    1 
ATOM 610 C CA   . VAL A 1 46 ? -1.750  5.485   -7.194  1.00 0.52 ? 46 VAL A CA   1 
ATOM 611 C C    . VAL A 1 46 ? -1.861  4.232   -6.332  1.00 0.43 ? 46 VAL A C    1 
ATOM 612 O O    . VAL A 1 46 ? -2.790  3.440   -6.488  1.00 0.43 ? 46 VAL A O    1 
ATOM 613 C CB   . VAL A 1 46 ? -2.124  6.712   -6.341  1.00 0.65 ? 46 VAL A CB   1 
ATOM 614 C CG1  . VAL A 1 46 ? -1.832  7.999   -7.098  1.00 1.21 ? 46 VAL A CG1  1 
ATOM 615 C CG2  . VAL A 1 46 ? -3.587  6.649   -5.927  1.00 1.12 ? 46 VAL A CG2  1 
ATOM 616 H H    . VAL A 1 46 ? -3.463  4.944   -8.311  1.00 0.59 ? 46 VAL A H    1 
ATOM 617 H HA   . VAL A 1 46 ? -0.726  5.597   -7.520  1.00 0.54 ? 46 VAL A HA   1 
ATOM 618 H HB   . VAL A 1 46 ? -1.519  6.702   -5.446  1.00 1.14 ? 46 VAL A HB   1 
ATOM 619 H HG11 . VAL A 1 46 ? -2.213  7.919   -8.105  1.00 1.66 ? 46 VAL A HG11 1 
ATOM 620 H HG12 . VAL A 1 46 ? -0.764  8.163   -7.128  1.00 1.89 ? 46 VAL A HG12 1 
ATOM 621 H HG13 . VAL A 1 46 ? -2.309  8.828   -6.596  1.00 1.68 ? 46 VAL A HG13 1 
ATOM 622 H HG21 . VAL A 1 46 ? -4.003  7.645   -5.920  1.00 1.57 ? 46 VAL A HG21 1 
ATOM 623 H HG22 . VAL A 1 46 ? -3.661  6.221   -4.938  1.00 1.61 ? 46 VAL A HG22 1 
ATOM 624 H HG23 . VAL A 1 46 ? -4.133  6.034   -6.627  1.00 1.79 ? 46 VAL A HG23 1 
ATOM 625 N N    . CYS A 1 47 ? -0.910  4.061   -5.421  1.00 0.41 ? 47 CYS A N    1 
ATOM 626 C CA   . CYS A 1 47 ? -0.904  2.908   -4.531  1.00 0.39 ? 47 CYS A CA   1 
ATOM 627 C C    . CYS A 1 47 ? -1.635  3.231   -3.233  1.00 0.43 ? 47 CYS A C    1 
ATOM 628 O O    . CYS A 1 47 ? -1.169  4.043   -2.433  1.00 0.55 ? 47 CYS A O    1 
ATOM 629 C CB   . CYS A 1 47 ? 0.532   2.475   -4.228  1.00 0.44 ? 47 CYS A CB   1 
ATOM 630 S SG   . CYS A 1 47 ? 0.715   0.694   -3.892  1.00 0.75 ? 47 CYS A SG   1 
ATOM 631 H H    . CYS A 1 47 ? -0.197  4.730   -5.341  1.00 0.46 ? 47 CYS A H    1 
ATOM 632 H HA   . CYS A 1 47 ? -1.418  2.101   -5.029  1.00 0.39 ? 47 CYS A HA   1 
ATOM 633 H HB2  . CYS A 1 47 ? 1.158   2.715   -5.074  1.00 0.54 ? 47 CYS A HB2  1 
ATOM 634 H HB3  . CYS A 1 47 ? 0.886   3.012   -3.360  1.00 0.59 ? 47 CYS A HB3  1 
ATOM 635 N N    . VAL A 1 48 ? -2.785  2.593   -3.034  1.00 0.42 ? 48 VAL A N    1 
ATOM 636 C CA   . VAL A 1 48 ? -3.586  2.814   -1.835  1.00 0.50 ? 48 VAL A CA   1 
ATOM 637 C C    . VAL A 1 48 ? -3.661  1.550   -0.981  1.00 0.52 ? 48 VAL A C    1 
ATOM 638 O O    . VAL A 1 48 ? -3.384  0.451   -1.461  1.00 0.50 ? 48 VAL A O    1 
ATOM 639 C CB   . VAL A 1 48 ? -5.016  3.265   -2.192  1.00 0.57 ? 48 VAL A CB   1 
ATOM 640 C CG1  . VAL A 1 48 ? -5.028  4.730   -2.600  1.00 0.68 ? 48 VAL A CG1  1 
ATOM 641 C CG2  . VAL A 1 48 ? -5.594  2.391   -3.295  1.00 0.55 ? 48 VAL A CG2  1 
ATOM 642 H H    . VAL A 1 48 ? -3.104  1.961   -3.712  1.00 0.43 ? 48 VAL A H    1 
ATOM 643 H HA   . VAL A 1 48 ? -3.117  3.598   -1.260  1.00 0.55 ? 48 VAL A HA   1 
ATOM 644 H HB   . VAL A 1 48 ? -5.635  3.156   -1.314  1.00 0.63 ? 48 VAL A HB   1 
ATOM 645 H HG11 . VAL A 1 48 ? -4.186  5.235   -2.152  1.00 1.26 ? 48 VAL A HG11 1 
ATOM 646 H HG12 . VAL A 1 48 ? -5.945  5.190   -2.264  1.00 1.19 ? 48 VAL A HG12 1 
ATOM 647 H HG13 . VAL A 1 48 ? -4.962  4.804   -3.676  1.00 1.22 ? 48 VAL A HG13 1 
ATOM 648 H HG21 . VAL A 1 48 ? -5.612  1.362   -2.966  1.00 1.09 ? 48 VAL A HG21 1 
ATOM 649 H HG22 . VAL A 1 48 ? -4.983  2.476   -4.179  1.00 1.21 ? 48 VAL A HG22 1 
ATOM 650 H HG23 . VAL A 1 48 ? -6.600  2.714   -3.519  1.00 1.10 ? 48 VAL A HG23 1 
ATOM 651 N N    . PRO A 1 49 ? -4.039  1.692   0.302   1.00 0.61 ? 49 PRO A N    1 
ATOM 652 C CA   . PRO A 1 49 ? -4.148  0.556   1.223   1.00 0.67 ? 49 PRO A CA   1 
ATOM 653 C C    . PRO A 1 49 ? -4.984  -0.582  0.647   1.00 0.63 ? 49 PRO A C    1 
ATOM 654 O O    . PRO A 1 49 ? -5.843  -0.365  -0.207  1.00 0.67 ? 49 PRO A O    1 
ATOM 655 C CB   . PRO A 1 49 ? -4.840  1.158   2.447   1.00 0.81 ? 49 PRO A CB   1 
ATOM 656 C CG   . PRO A 1 49 ? -4.478  2.602   2.411   1.00 0.82 ? 49 PRO A CG   1 
ATOM 657 C CD   . PRO A 1 49 ? -4.387  2.969   0.955   1.00 0.70 ? 49 PRO A CD   1 
ATOM 658 H HA   . PRO A 1 49 ? -3.176  0.181   1.505   1.00 0.70 ? 49 PRO A HA   1 
ATOM 659 H HB2  . PRO A 1 49 ? -5.908  1.015   2.366   1.00 0.96 ? 49 PRO A HB2  1 
ATOM 660 H HB3  . PRO A 1 49 ? -4.473  0.682   3.344   1.00 0.92 ? 49 PRO A HB3  1 
ATOM 661 H HG2  . PRO A 1 49 ? -5.245  3.186   2.897   1.00 1.02 ? 49 PRO A HG2  1 
ATOM 662 H HG3  . PRO A 1 49 ? -3.526  2.754   2.896   1.00 0.90 ? 49 PRO A HG3  1 
ATOM 663 H HD2  . PRO A 1 49 ? -5.338  3.339   0.600   1.00 0.73 ? 49 PRO A HD2  1 
ATOM 664 H HD3  . PRO A 1 49 ? -3.612  3.705   0.799   1.00 0.73 ? 49 PRO A HD3  1 
ATOM 665 N N    . PHE A 1 50 ? -4.726  -1.797  1.123   1.00 0.67 ? 50 PHE A N    1 
ATOM 666 C CA   . PHE A 1 50 ? -5.456  -2.970  0.656   1.00 0.69 ? 50 PHE A CA   1 
ATOM 667 C C    . PHE A 1 50 ? -5.342  -4.117  1.656   1.00 0.77 ? 50 PHE A C    1 
ATOM 668 O O    . PHE A 1 50 ? -4.928  -3.919  2.799   1.00 0.83 ? 50 PHE A O    1 
ATOM 669 C CB   . PHE A 1 50 ? -4.932  -3.412  -0.712  1.00 0.71 ? 50 PHE A CB   1 
ATOM 670 C CG   . PHE A 1 50 ? -6.019  -3.823  -1.663  1.00 0.89 ? 50 PHE A CG   1 
ATOM 671 C CD1  . PHE A 1 50 ? -7.134  -3.021  -1.847  1.00 1.64 ? 50 PHE A CD1  1 
ATOM 672 C CD2  . PHE A 1 50 ? -5.926  -5.010  -2.370  1.00 1.58 ? 50 PHE A CD2  1 
ATOM 673 C CE1  . PHE A 1 50 ? -8.137  -3.397  -2.719  1.00 2.00 ? 50 PHE A CE1  1 
ATOM 674 C CE2  . PHE A 1 50 ? -6.928  -5.391  -3.244  1.00 1.97 ? 50 PHE A CE2  1 
ATOM 675 C CZ   . PHE A 1 50 ? -8.033  -4.583  -3.419  1.00 1.86 ? 50 PHE A CZ   1 
ATOM 676 H H    . PHE A 1 50 ? -4.030  -1.907  1.804   1.00 0.74 ? 50 PHE A H    1 
ATOM 677 H HA   . PHE A 1 50 ? -6.495  -2.696  0.561   1.00 0.70 ? 50 PHE A HA   1 
ATOM 678 H HB2  . PHE A 1 50 ? -4.387  -2.595  -1.161  1.00 0.98 ? 50 PHE A HB2  1 
ATOM 679 H HB3  . PHE A 1 50 ? -4.266  -4.253  -0.581  1.00 0.90 ? 50 PHE A HB3  1 
ATOM 680 H HD1  . PHE A 1 50 ? -7.215  -2.093  -1.300  1.00 2.35 ? 50 PHE A HD1  1 
ATOM 681 H HD2  . PHE A 1 50 ? -5.062  -5.643  -2.233  1.00 2.26 ? 50 PHE A HD2  1 
ATOM 682 H HE1  . PHE A 1 50 ? -9.001  -2.763  -2.854  1.00 2.79 ? 50 PHE A HE1  1 
ATOM 683 H HE2  . PHE A 1 50 ? -6.844  -6.319  -3.790  1.00 2.77 ? 50 PHE A HE2  1 
ATOM 684 H HZ   . PHE A 1 50 ? -8.817  -4.878  -4.102  1.00 2.30 ? 50 PHE A HZ   1 
ATOM 685 N N    . ASP A 1 51 ? -5.712  -5.318  1.219   1.00 0.88 ? 51 ASP A N    1 
ATOM 686 C CA   . ASP A 1 51 ? -5.651  -6.497  2.075   1.00 1.00 ? 51 ASP A CA   1 
ATOM 687 C C    . ASP A 1 51 ? -6.615  -6.366  3.250   1.00 1.98 ? 51 ASP A C    1 
ATOM 688 O O    . ASP A 1 51 ? -6.493  -5.454  4.067   1.00 2.76 ? 51 ASP A O    1 
ATOM 689 C CB   . ASP A 1 51 ? -4.227  -6.712  2.590   1.00 1.49 ? 51 ASP A CB   1 
ATOM 690 C CG   . ASP A 1 51 ? -3.987  -8.137  3.052   1.00 1.99 ? 51 ASP A CG   1 
ATOM 691 O OD1  . ASP A 1 51 ? -4.055  -9.053  2.207   1.00 2.51 ? 51 ASP A OD1  1 
ATOM 692 O OD2  . ASP A 1 51 ? -3.732  -8.334  4.258   1.00 2.58 ? 51 ASP A OD2  1 
ATOM 693 H H    . ASP A 1 51 ? -6.033  -5.413  0.298   1.00 0.93 ? 51 ASP A H    1 
ATOM 694 H HA   . ASP A 1 51 ? -5.942  -7.352  1.482   1.00 1.46 ? 51 ASP A HA   1 
ATOM 695 H HB2  . ASP A 1 51 ? -3.527  -6.488  1.799   1.00 2.04 ? 51 ASP A HB2  1 
ATOM 696 H HB3  . ASP A 1 51 ? -4.048  -6.048  3.423   1.00 1.99 ? 51 ASP A HB3  1 
ATOM 697 N N    . GLY A 1 52 ? -7.573  -7.285  3.328   1.00 2.66 ? 52 GLY A N    1 
ATOM 698 C CA   . GLY A 1 52 ? -8.544  -7.255  4.406   1.00 3.90 ? 52 GLY A CA   1 
ATOM 699 C C    . GLY A 1 52 ? -9.812  -8.012  4.065   1.00 4.67 ? 52 GLY A C    1 
ATOM 700 O O    . GLY A 1 52 ? -9.894  -8.662  3.023   1.00 5.17 ? 52 GLY A O    1 
ATOM 701 H H    . GLY A 1 52 ? -7.621  -7.989  2.648   1.00 2.67 ? 52 GLY A H    1 
ATOM 702 H HA2  . GLY A 1 52 ? -8.101  -7.695  5.287   1.00 4.26 ? 52 GLY A HA2  1 
ATOM 703 H HA3  . GLY A 1 52 ? -8.797  -6.227  4.619   1.00 4.28 ? 52 GLY A HA3  1 
# 
